data_5Y4D
#
_entry.id   5Y4D
#
_cell.length_a   179.787
_cell.length_b   179.787
_cell.length_c   227.098
_cell.angle_alpha   90.000
_cell.angle_beta   90.000
_cell.angle_gamma   120.000
#
_symmetry.space_group_name_H-M   'H 3 2'
#
loop_
_entity.id
_entity.type
_entity.pdbx_description
1 polymer Ankyrin-1,Ankyrin-2,Ankyrin-2
2 non-polymer 'SULFATE ION'
#
_entity_poly.entity_id   1
_entity_poly.type   'polypeptide(L)'
_entity_poly.pdbx_seq_one_letter_code
;GPGSEFCADQYWNEVAVIDAIPLAATEHDTMLEMSDMQVWSAGDHPPIVSEEDISGSLVPRGSGSKSDSNASFLRAARAG
NLDKVVEYLKGGIDINTCNQNGLNALHLAAKEGHVGLVQELLGRGSSVDSATKKGNTALHIASLAGQAEVVKVLVKEGAN
INAQSQNGFTPLYMAAQENHIDVVKYLLENGANQSTATEDGFTPLAVALQQGHNQAVAILLENDTKGKVRLPALHIAARK
DDTKSAALLLQNDHNADVQSKMMVNRTTESGFTPLHIAAHYGNVNVATLLLNRGAAVDFTARNGITPLHVASKRGNTNMV
KLLLDRGGQIDAKTRDGLTPLHCAARSGHDQVVELLLERGAPLLARTKNGLSPLHMAAQGDHVECVKHLLQHKAPVDDVT
LDYLTALHVAAHCGHYRVTKLLLDKRANPNARALNGFTPLHIACKKNRIKVMELLVKYGASIQAITESGLTPIHVAAFMG
HLNIVLLLLQNGASPDVTNIRGETALHMAARAGQVEVVRCLLRNGALVDARAREEQTPLHIASRLGKTEIVQLLLQHMAH
PDAATTNGYTPLHISAREGQVDVASVLLEAGAAHSLATKKGFTPLHVAAKYGSLDVAKLLLQRRAAADSAGKNGLTPLHV
AAHYDNQKVALLLLEKGASPHATAKNGYTPLHIAAKKNQMQIASTLLNYGAETNIVTKQGVTPLHLASQEGHTDMVTLLL
DKGANIHMSTK
;
_entity_poly.pdbx_strand_id   A
#
loop_
_chem_comp.id
_chem_comp.type
_chem_comp.name
_chem_comp.formula
SO4 non-polymer 'SULFATE ION' 'O4 S -2'
#
# COMPACT_ATOMS: atom_id res chain seq x y z
N TRP A 12 -15.96 -14.07 -20.64
CA TRP A 12 -14.65 -14.07 -19.97
C TRP A 12 -14.69 -13.17 -18.75
N ASN A 13 -13.58 -12.50 -18.47
CA ASN A 13 -13.48 -11.58 -17.34
C ASN A 13 -13.86 -10.17 -17.77
N GLU A 14 -14.72 -9.52 -16.98
CA GLU A 14 -15.19 -8.16 -17.23
C GLU A 14 -14.52 -7.15 -16.31
N VAL A 15 -13.50 -7.56 -15.54
CA VAL A 15 -12.83 -6.63 -14.63
C VAL A 15 -11.87 -5.70 -15.37
N ALA A 16 -11.23 -6.16 -16.45
CA ALA A 16 -10.38 -5.25 -17.21
C ALA A 16 -11.18 -4.22 -17.98
N VAL A 17 -12.43 -4.56 -18.33
CA VAL A 17 -13.32 -3.61 -19.00
C VAL A 17 -13.67 -2.44 -18.10
N ILE A 18 -13.82 -2.68 -16.79
CA ILE A 18 -14.22 -1.65 -15.85
C ILE A 18 -13.05 -1.07 -15.02
N LEU A 23 -6.69 4.69 -12.23
CA LEU A 23 -6.42 6.08 -11.89
C LEU A 23 -5.66 6.20 -10.55
N ALA A 24 -5.81 5.21 -9.64
CA ALA A 24 -5.05 5.25 -8.39
C ALA A 24 -3.58 4.93 -8.61
N ALA A 25 -3.29 3.93 -9.46
CA ALA A 25 -1.90 3.65 -9.81
C ALA A 25 -1.28 4.82 -10.58
N THR A 26 -2.10 5.61 -11.29
CA THR A 26 -1.64 6.85 -11.93
C THR A 26 -1.23 7.92 -10.92
N GLU A 27 -1.96 8.02 -9.81
CA GLU A 27 -1.68 8.97 -8.74
C GLU A 27 -0.48 8.55 -7.89
N HIS A 28 -0.20 7.23 -7.83
CA HIS A 28 0.82 6.71 -6.91
C HIS A 28 2.22 7.28 -7.19
N ASP A 29 2.59 7.43 -8.47
CA ASP A 29 3.97 7.83 -8.78
C ASP A 29 4.26 9.28 -8.35
N THR A 30 3.43 10.23 -8.77
CA THR A 30 3.62 11.61 -8.33
C THR A 30 3.40 11.74 -6.82
N MET A 31 2.56 10.88 -6.22
CA MET A 31 2.38 10.88 -4.77
C MET A 31 3.67 10.46 -4.05
N LEU A 32 4.42 9.52 -4.64
CA LEU A 32 5.70 9.12 -4.05
C LEU A 32 6.77 10.19 -4.28
N GLU A 33 6.76 10.82 -5.46
CA GLU A 33 7.70 11.90 -5.73
C GLU A 33 7.43 13.13 -4.85
N MET A 34 6.17 13.35 -4.48
CA MET A 34 5.90 14.35 -3.46
C MET A 34 6.18 13.84 -2.05
N SER A 35 6.24 12.52 -1.85
CA SER A 35 6.58 11.98 -0.54
C SER A 35 8.07 12.07 -0.25
N ASP A 36 8.91 11.99 -1.29
CA ASP A 36 10.36 12.09 -1.13
C ASP A 36 10.84 13.53 -0.99
N MET A 37 9.96 14.48 -0.69
CA MET A 37 10.36 15.86 -0.42
C MET A 37 10.48 16.13 1.08
N GLN A 38 10.56 15.08 1.88
CA GLN A 38 10.69 15.19 3.32
C GLN A 38 12.15 15.18 3.69
N VAL A 39 12.46 15.84 4.81
CA VAL A 39 13.78 15.81 5.44
C VAL A 39 13.69 14.84 6.61
N TRP A 40 14.72 14.04 6.81
CA TRP A 40 14.64 12.95 7.77
C TRP A 40 14.47 13.29 9.24
N ASP A 44 16.49 14.96 11.45
CA ASP A 44 17.07 14.12 12.52
C ASP A 44 17.92 14.90 13.54
N HIS A 45 17.50 14.84 14.79
CA HIS A 45 18.09 15.64 15.86
C HIS A 45 19.18 14.87 16.58
N PRO A 46 20.23 15.56 17.07
CA PRO A 46 21.25 14.88 17.85
C PRO A 46 20.66 14.44 19.18
N PRO A 47 21.21 13.39 19.80
CA PRO A 47 20.60 12.86 21.03
C PRO A 47 20.94 13.74 22.23
N ILE A 48 20.10 13.60 23.27
CA ILE A 48 20.31 14.32 24.53
C ILE A 48 20.55 13.29 25.64
N VAL A 49 21.56 13.56 26.47
CA VAL A 49 21.93 12.67 27.57
C VAL A 49 21.02 12.93 28.76
N SER A 50 20.52 11.85 29.36
CA SER A 50 19.80 11.92 30.63
C SER A 50 20.68 11.37 31.74
N GLU A 51 20.82 12.13 32.83
CA GLU A 51 21.64 11.72 33.96
C GLU A 51 21.06 10.49 34.66
N GLU A 52 21.92 9.77 35.37
CA GLU A 52 21.53 8.55 36.09
C GLU A 52 20.68 8.83 37.32
N ASP A 53 19.86 7.83 37.67
CA ASP A 53 18.95 7.90 38.82
C ASP A 53 19.56 7.15 40.01
N ILE A 54 19.46 7.77 41.19
CA ILE A 54 20.06 7.24 42.42
C ILE A 54 18.96 6.94 43.45
N SER A 55 18.97 5.69 43.97
CA SER A 55 18.01 5.22 44.98
C SER A 55 18.54 5.18 46.42
N GLY A 56 19.73 4.62 46.65
CA GLY A 56 20.32 4.55 47.98
C GLY A 56 19.80 3.46 48.89
N SER A 57 18.97 2.55 48.38
CA SER A 57 18.37 1.49 49.20
C SER A 57 19.36 0.49 49.76
N LEU A 58 19.02 -0.05 50.94
CA LEU A 58 19.87 -1.03 51.64
C LEU A 58 20.05 -2.31 50.83
N VAL A 59 19.00 -2.78 50.16
CA VAL A 59 19.07 -4.03 49.43
C VAL A 59 20.13 -3.97 48.33
N PRO A 60 20.96 -5.01 48.17
CA PRO A 60 21.99 -5.09 47.14
C PRO A 60 21.98 -6.41 46.37
N GLY A 64 28.22 -11.62 52.26
CA GLY A 64 26.83 -11.29 52.01
C GLY A 64 26.24 -10.41 53.08
N SER A 65 26.96 -10.30 54.19
CA SER A 65 26.55 -9.50 55.35
C SER A 65 26.95 -8.04 55.23
N LYS A 66 27.39 -7.60 54.06
CA LYS A 66 27.79 -6.22 53.85
C LYS A 66 26.67 -5.37 53.27
N SER A 67 25.41 -5.84 53.35
CA SER A 67 24.28 -5.16 52.73
C SER A 67 24.02 -3.79 53.35
N ASP A 68 23.69 -3.74 54.64
CA ASP A 68 23.38 -2.45 55.26
C ASP A 68 24.61 -1.56 55.33
N SER A 69 25.80 -2.16 55.45
CA SER A 69 27.03 -1.39 55.54
C SER A 69 27.44 -0.78 54.20
N ASN A 70 27.46 -1.59 53.12
CA ASN A 70 27.74 -1.02 51.81
C ASN A 70 26.72 0.05 51.45
N ALA A 71 25.44 -0.21 51.78
CA ALA A 71 24.37 0.73 51.48
C ALA A 71 24.54 2.05 52.23
N SER A 72 24.68 2.00 53.56
CA SER A 72 24.89 3.22 54.33
C SER A 72 26.17 3.93 53.91
N PHE A 73 27.16 3.18 53.44
CA PHE A 73 28.36 3.79 52.92
C PHE A 73 28.06 4.62 51.68
N LEU A 74 27.32 4.05 50.72
CA LEU A 74 26.96 4.78 49.51
C LEU A 74 26.12 6.01 49.83
N ARG A 75 25.18 5.89 50.79
CA ARG A 75 24.40 7.04 51.24
C ARG A 75 25.33 8.12 51.77
N ALA A 76 26.35 7.72 52.55
CA ALA A 76 27.32 8.70 53.05
C ALA A 76 28.13 9.34 51.93
N ALA A 77 28.39 8.60 50.85
CA ALA A 77 29.13 9.18 49.74
C ALA A 77 28.29 10.22 49.01
N ARG A 78 26.98 9.97 48.84
CA ARG A 78 26.12 10.96 48.19
C ARG A 78 25.93 12.19 49.06
N ALA A 79 25.74 12.00 50.37
CA ALA A 79 25.51 13.13 51.26
C ALA A 79 26.76 13.97 51.46
N GLY A 80 27.94 13.46 51.12
CA GLY A 80 29.17 14.23 51.25
C GLY A 80 29.65 14.46 52.67
N ASN A 81 30.00 13.38 53.36
CA ASN A 81 30.50 13.38 54.74
C ASN A 81 31.79 12.56 54.78
N LEU A 82 32.94 13.20 54.50
CA LEU A 82 34.20 12.45 54.43
C LEU A 82 34.55 11.80 55.76
N ASP A 83 34.02 12.32 56.87
CA ASP A 83 34.24 11.70 58.18
C ASP A 83 33.65 10.28 58.22
N LYS A 84 32.33 10.16 57.99
CA LYS A 84 31.69 8.83 58.02
C LYS A 84 32.11 7.97 56.83
N VAL A 85 32.61 8.58 55.76
CA VAL A 85 33.07 7.81 54.60
C VAL A 85 34.41 7.16 54.87
N VAL A 86 35.39 7.92 55.39
CA VAL A 86 36.67 7.31 55.73
C VAL A 86 36.52 6.37 56.92
N GLU A 87 35.70 6.75 57.91
CA GLU A 87 35.44 5.87 59.05
C GLU A 87 34.75 4.59 58.58
N TYR A 88 33.95 4.69 57.53
CA TYR A 88 33.34 3.49 56.94
C TYR A 88 34.36 2.67 56.17
N LEU A 89 35.26 3.33 55.44
CA LEU A 89 36.29 2.62 54.70
C LEU A 89 37.20 1.80 55.61
N LYS A 90 37.62 2.38 56.76
CA LYS A 90 38.40 1.62 57.73
C LYS A 90 37.63 0.43 58.32
N GLY A 91 36.28 0.46 58.29
CA GLY A 91 35.43 -0.61 58.75
C GLY A 91 35.35 -1.80 57.81
N GLY A 92 36.18 -1.79 56.76
CA GLY A 92 36.35 -2.89 55.83
C GLY A 92 35.29 -3.11 54.76
N ILE A 93 34.96 -2.05 54.03
CA ILE A 93 33.98 -2.08 52.95
C ILE A 93 34.75 -1.83 51.67
N ASP A 94 34.55 -2.69 50.67
CA ASP A 94 35.32 -2.52 49.44
C ASP A 94 34.98 -1.17 48.83
N ILE A 95 36.02 -0.42 48.43
CA ILE A 95 35.80 0.90 47.84
C ILE A 95 35.06 0.80 46.50
N ASN A 96 35.32 -0.27 45.74
CA ASN A 96 34.62 -0.46 44.47
C ASN A 96 33.29 -1.15 44.76
N THR A 97 32.45 -0.40 45.46
CA THR A 97 31.13 -0.86 45.86
C THR A 97 30.17 0.01 45.07
N CYS A 98 29.20 -0.63 44.43
CA CYS A 98 28.26 0.06 43.57
C CYS A 98 26.84 -0.40 43.88
N ASN A 99 25.88 0.45 43.53
CA ASN A 99 24.49 0.11 43.78
C ASN A 99 23.94 -0.72 42.63
N GLN A 100 22.62 -0.72 42.53
CA GLN A 100 21.92 -1.52 41.52
C GLN A 100 22.40 -1.21 40.10
N ASN A 101 22.62 0.08 39.79
CA ASN A 101 23.05 0.54 38.47
C ASN A 101 24.56 0.60 38.25
N GLY A 102 25.40 0.34 39.23
CA GLY A 102 26.83 0.41 39.01
C GLY A 102 27.55 1.66 39.47
N LEU A 103 26.90 2.49 40.29
CA LEU A 103 27.48 3.76 40.77
C LEU A 103 28.43 3.59 41.96
N ASN A 104 29.67 4.04 41.80
CA ASN A 104 30.72 4.02 42.81
C ASN A 104 30.51 5.12 43.82
N ALA A 105 31.25 5.04 44.91
CA ALA A 105 31.22 6.16 45.84
C ALA A 105 31.77 7.39 45.13
N LEU A 106 32.72 7.19 44.21
CA LEU A 106 33.28 8.30 43.45
C LEU A 106 32.28 8.88 42.47
N HIS A 107 31.38 8.05 41.91
CA HIS A 107 30.36 8.61 41.03
C HIS A 107 29.41 9.49 41.83
N LEU A 108 28.90 8.96 42.94
CA LEU A 108 27.97 9.72 43.76
C LEU A 108 28.61 11.01 44.28
N ALA A 109 29.90 10.93 44.64
CA ALA A 109 30.58 12.13 45.10
C ALA A 109 30.81 13.12 43.97
N ALA A 110 31.18 12.64 42.79
CA ALA A 110 31.46 13.55 41.68
C ALA A 110 30.21 14.24 41.14
N LYS A 111 29.04 13.59 41.27
CA LYS A 111 27.81 14.26 40.82
C LYS A 111 27.47 15.46 41.67
N GLU A 112 27.83 15.42 42.97
CA GLU A 112 27.36 16.39 43.94
C GLU A 112 28.36 17.48 44.24
N GLY A 113 29.53 17.47 43.60
CA GLY A 113 30.49 18.54 43.80
C GLY A 113 31.30 18.43 45.07
N HIS A 114 31.23 17.30 45.77
CA HIS A 114 32.05 17.16 46.95
C HIS A 114 33.49 16.95 46.50
N VAL A 115 34.24 18.06 46.39
CA VAL A 115 35.61 17.99 45.88
C VAL A 115 36.51 17.24 46.85
N GLY A 116 36.36 17.51 48.14
CA GLY A 116 37.18 16.84 49.13
C GLY A 116 36.91 15.34 49.18
N LEU A 117 35.64 14.95 49.13
CA LEU A 117 35.34 13.53 49.14
C LEU A 117 35.93 12.84 47.91
N VAL A 118 35.97 13.54 46.78
CA VAL A 118 36.56 12.98 45.57
C VAL A 118 38.08 12.86 45.69
N GLN A 119 38.74 13.86 46.26
CA GLN A 119 40.18 13.76 46.45
C GLN A 119 40.54 12.60 47.37
N GLU A 120 39.86 12.53 48.53
CA GLU A 120 40.16 11.47 49.48
C GLU A 120 39.79 10.11 48.91
N LEU A 121 38.70 10.03 48.15
CA LEU A 121 38.33 8.77 47.52
C LEU A 121 39.36 8.35 46.48
N LEU A 122 39.96 9.31 45.77
CA LEU A 122 41.03 8.96 44.84
C LEU A 122 42.26 8.45 45.56
N GLY A 123 42.68 9.16 46.63
CA GLY A 123 43.84 8.71 47.39
C GLY A 123 43.62 7.39 48.11
N ARG A 124 42.39 7.14 48.57
CA ARG A 124 42.07 5.91 49.27
C ARG A 124 42.04 4.72 48.33
N GLY A 125 41.99 4.94 47.02
CA GLY A 125 42.11 3.86 46.05
C GLY A 125 40.96 3.66 45.09
N SER A 126 40.10 4.66 44.94
CA SER A 126 39.00 4.56 43.99
C SER A 126 39.53 4.77 42.57
N SER A 127 38.99 4.01 41.62
CA SER A 127 39.43 4.09 40.22
C SER A 127 38.79 5.28 39.53
N VAL A 128 39.58 6.00 38.72
CA VAL A 128 39.06 7.19 38.05
C VAL A 128 38.09 6.81 36.93
N ASP A 129 38.48 5.86 36.09
CA ASP A 129 37.72 5.54 34.90
C ASP A 129 36.75 4.38 35.10
N SER A 130 36.30 4.16 36.33
CA SER A 130 35.27 3.15 36.54
C SER A 130 33.95 3.69 36.02
N ALA A 131 33.27 2.91 35.19
CA ALA A 131 32.04 3.32 34.53
C ALA A 131 30.86 2.51 35.06
N THR A 132 29.68 3.12 35.02
CA THR A 132 28.48 2.44 35.51
C THR A 132 28.01 1.44 34.45
N LYS A 133 26.79 0.94 34.62
CA LYS A 133 26.22 0.07 33.59
C LYS A 133 25.97 0.85 32.31
N LYS A 134 25.75 2.16 32.41
CA LYS A 134 25.57 3.01 31.25
C LYS A 134 26.90 3.62 30.78
N GLY A 135 28.03 3.15 31.30
CA GLY A 135 29.35 3.55 30.78
C GLY A 135 29.88 4.91 31.15
N ASN A 136 29.24 5.62 32.08
CA ASN A 136 29.69 6.97 32.44
C ASN A 136 30.80 6.90 33.48
N THR A 137 31.94 7.52 33.18
CA THR A 137 32.98 7.61 34.19
C THR A 137 32.62 8.75 35.16
N ALA A 138 33.46 8.95 36.17
CA ALA A 138 33.20 10.06 37.08
C ALA A 138 33.27 11.38 36.35
N LEU A 139 34.17 11.48 35.37
CA LEU A 139 34.30 12.68 34.55
C LEU A 139 33.05 12.95 33.72
N HIS A 140 32.38 11.88 33.25
CA HIS A 140 31.11 12.04 32.57
C HIS A 140 30.10 12.69 33.50
N ILE A 141 29.92 12.12 34.70
CA ILE A 141 28.90 12.57 35.64
C ILE A 141 29.14 14.02 36.03
N ALA A 142 30.40 14.36 36.29
CA ALA A 142 30.73 15.71 36.66
C ALA A 142 30.53 16.69 35.51
N SER A 143 30.82 16.27 34.27
CA SER A 143 30.66 17.18 33.13
C SER A 143 29.19 17.50 32.87
N LEU A 144 28.35 16.48 32.86
CA LEU A 144 26.93 16.73 32.62
C LEU A 144 26.32 17.53 33.76
N ALA A 145 26.78 17.27 35.00
CA ALA A 145 26.22 17.97 36.16
C ALA A 145 26.76 19.41 36.27
N GLY A 146 27.94 19.67 35.73
CA GLY A 146 28.49 21.00 35.78
C GLY A 146 29.25 21.28 37.06
N GLN A 147 30.10 20.35 37.46
CA GLN A 147 30.96 20.51 38.63
C GLN A 147 32.37 20.78 38.10
N ALA A 148 32.70 22.07 37.96
CA ALA A 148 33.99 22.43 37.36
C ALA A 148 35.16 21.91 38.18
N GLU A 149 35.05 21.97 39.51
CA GLU A 149 36.16 21.58 40.38
C GLU A 149 36.34 20.07 40.46
N VAL A 150 35.26 19.30 40.45
CA VAL A 150 35.37 17.85 40.41
C VAL A 150 36.03 17.42 39.11
N VAL A 151 35.69 18.10 38.01
CA VAL A 151 36.31 17.85 36.73
C VAL A 151 37.79 18.21 36.74
N LYS A 152 38.16 19.33 37.37
CA LYS A 152 39.57 19.68 37.48
C LYS A 152 40.33 18.60 38.24
N VAL A 153 39.75 18.11 39.33
CA VAL A 153 40.41 17.09 40.13
C VAL A 153 40.60 15.82 39.31
N LEU A 154 39.54 15.39 38.59
CA LEU A 154 39.60 14.15 37.83
C LEU A 154 40.55 14.25 36.63
N VAL A 155 40.53 15.38 35.93
CA VAL A 155 41.41 15.55 34.79
C VAL A 155 42.87 15.56 35.23
N LYS A 156 43.18 16.32 36.29
CA LYS A 156 44.56 16.40 36.74
C LYS A 156 45.06 15.07 37.29
N GLU A 157 44.15 14.23 37.81
CA GLU A 157 44.52 12.94 38.40
C GLU A 157 44.72 11.84 37.36
N GLY A 158 44.49 12.13 36.08
CA GLY A 158 44.73 11.17 35.03
C GLY A 158 43.51 10.50 34.45
N ALA A 159 42.34 11.11 34.56
CA ALA A 159 41.16 10.51 33.96
C ALA A 159 41.19 10.68 32.45
N ASN A 160 40.61 9.69 31.75
CA ASN A 160 40.53 9.72 30.30
C ASN A 160 39.53 10.80 29.91
N ILE A 161 40.02 11.87 29.30
CA ILE A 161 39.15 12.99 28.94
C ILE A 161 38.29 12.70 27.72
N ASN A 162 38.69 11.77 26.85
CA ASN A 162 37.90 11.37 25.70
C ASN A 162 37.16 10.07 25.94
N ALA A 163 36.77 9.81 27.18
CA ALA A 163 36.07 8.57 27.51
C ALA A 163 34.71 8.59 26.85
N GLN A 164 34.43 7.56 26.06
CA GLN A 164 33.16 7.39 25.37
C GLN A 164 32.25 6.51 26.19
N SER A 165 31.15 7.07 26.67
CA SER A 165 30.20 6.30 27.47
C SER A 165 29.44 5.32 26.57
N GLN A 166 28.37 4.73 27.09
CA GLN A 166 27.50 3.89 26.27
C GLN A 166 26.81 4.75 25.22
N ASN A 167 26.84 4.31 23.96
CA ASN A 167 26.43 5.05 22.74
C ASN A 167 27.48 6.08 22.33
N GLY A 168 28.62 6.12 22.99
CA GLY A 168 29.76 6.88 22.49
C GLY A 168 29.80 8.35 22.84
N PHE A 169 29.16 8.77 23.93
CA PHE A 169 29.18 10.18 24.31
C PHE A 169 30.46 10.52 25.05
N THR A 170 30.98 11.71 24.82
CA THR A 170 32.19 12.14 25.50
C THR A 170 31.87 13.24 26.53
N PRO A 171 32.71 13.40 27.56
CA PRO A 171 32.48 14.50 28.51
C PRO A 171 32.33 15.87 27.85
N LEU A 172 33.07 16.12 26.78
CA LEU A 172 32.92 17.37 26.04
C LEU A 172 31.51 17.50 25.50
N TYR A 173 30.95 16.39 24.99
CA TYR A 173 29.57 16.40 24.51
C TYR A 173 28.62 16.73 25.63
N MET A 174 28.82 16.11 26.80
CA MET A 174 27.90 16.31 27.91
C MET A 174 27.94 17.75 28.40
N ALA A 175 29.12 18.35 28.43
CA ALA A 175 29.21 19.73 28.86
C ALA A 175 28.60 20.67 27.84
N ALA A 176 28.86 20.42 26.55
CA ALA A 176 28.29 21.30 25.55
C ALA A 176 26.77 21.20 25.49
N GLN A 177 26.23 20.03 25.82
CA GLN A 177 24.78 19.86 25.76
C GLN A 177 24.08 20.72 26.81
N GLU A 178 24.71 20.93 27.97
CA GLU A 178 24.12 21.67 29.07
C GLU A 178 24.67 23.07 29.23
N ASN A 179 25.45 23.56 28.27
CA ASN A 179 26.00 24.91 28.28
C ASN A 179 26.87 25.18 29.51
N HIS A 180 27.62 24.15 29.95
CA HIS A 180 28.60 24.33 31.01
C HIS A 180 29.88 24.84 30.35
N ILE A 181 30.03 26.17 30.35
CA ILE A 181 31.04 26.82 29.53
C ILE A 181 32.43 26.54 30.05
N ASP A 182 32.65 26.79 31.34
CA ASP A 182 33.97 26.63 31.95
C ASP A 182 34.46 25.18 31.83
N VAL A 183 33.54 24.22 31.93
CA VAL A 183 33.90 22.81 31.76
C VAL A 183 34.39 22.59 30.34
N VAL A 184 33.74 23.24 29.37
CA VAL A 184 34.12 23.10 27.97
C VAL A 184 35.48 23.75 27.71
N LYS A 185 35.68 24.97 28.23
CA LYS A 185 36.97 25.63 28.07
C LYS A 185 38.09 24.79 28.67
N TYR A 186 37.81 24.16 29.82
CA TYR A 186 38.83 23.37 30.51
C TYR A 186 39.14 22.08 29.75
N LEU A 187 38.09 21.37 29.31
CA LEU A 187 38.29 20.12 28.59
C LEU A 187 38.96 20.37 27.24
N LEU A 188 38.69 21.51 26.63
CA LEU A 188 39.37 21.86 25.39
C LEU A 188 40.83 22.25 25.66
N GLU A 189 41.09 22.90 26.79
CA GLU A 189 42.47 23.27 27.12
C GLU A 189 43.30 22.01 27.40
N ASN A 190 42.70 20.99 28.00
CA ASN A 190 43.42 19.76 28.28
C ASN A 190 43.52 18.85 27.07
N GLY A 191 42.84 19.20 25.98
CA GLY A 191 42.94 18.48 24.73
C GLY A 191 41.86 17.44 24.51
N ALA A 192 40.61 17.85 24.58
CA ALA A 192 39.53 16.93 24.30
C ALA A 192 39.15 16.99 22.82
N ASN A 193 38.87 15.83 22.25
CA ASN A 193 38.58 15.69 20.83
C ASN A 193 37.16 16.16 20.50
N GLN A 194 37.06 17.21 19.70
CA GLN A 194 35.76 17.70 19.23
C GLN A 194 35.16 16.74 18.22
N SER A 195 36.01 15.99 17.52
CA SER A 195 35.59 15.12 16.43
C SER A 195 34.95 13.83 16.89
N THR A 196 35.28 13.37 18.10
CA THR A 196 34.76 12.10 18.60
C THR A 196 33.24 12.15 18.66
N ALA A 197 32.57 11.39 17.78
CA ALA A 197 31.12 11.47 17.64
C ALA A 197 30.44 10.28 18.28
N THR A 198 29.12 10.38 18.42
CA THR A 198 28.39 9.30 19.06
C THR A 198 28.27 8.13 18.08
N GLU A 199 27.44 7.13 18.43
CA GLU A 199 27.28 5.96 17.57
C GLU A 199 26.55 6.29 16.28
N ASP A 200 25.77 7.37 16.29
CA ASP A 200 25.00 7.87 15.15
C ASP A 200 25.62 9.12 14.48
N GLY A 201 26.79 9.58 14.94
CA GLY A 201 27.59 10.55 14.22
C GLY A 201 27.60 11.97 14.73
N PHE A 202 27.02 12.25 15.89
CA PHE A 202 26.95 13.61 16.40
C PHE A 202 28.13 13.96 17.29
N THR A 203 28.60 15.19 17.14
CA THR A 203 29.73 15.76 17.85
C THR A 203 29.25 16.74 18.91
N PRO A 204 30.13 17.18 19.81
CA PRO A 204 29.72 18.21 20.79
C PRO A 204 29.18 19.47 20.15
N LEU A 205 29.75 19.87 19.02
CA LEU A 205 29.25 21.04 18.29
C LEU A 205 27.82 20.85 17.79
N ALA A 206 27.46 19.62 17.41
CA ALA A 206 26.13 19.36 16.90
C ALA A 206 25.07 19.59 17.97
N VAL A 207 25.27 19.02 19.15
CA VAL A 207 24.28 19.17 20.22
C VAL A 207 24.32 20.58 20.78
N ALA A 208 25.50 21.21 20.80
CA ALA A 208 25.56 22.61 21.21
C ALA A 208 24.69 23.47 20.31
N LEU A 209 24.69 23.18 19.01
CA LEU A 209 23.80 23.88 18.10
C LEU A 209 22.34 23.50 18.29
N GLN A 210 22.07 22.24 18.64
CA GLN A 210 20.70 21.78 18.83
C GLN A 210 20.04 22.46 20.02
N GLN A 211 20.81 22.72 21.07
CA GLN A 211 20.23 23.30 22.26
C GLN A 211 20.14 24.82 22.19
N GLY A 212 20.78 25.43 21.21
CA GLY A 212 20.74 26.87 21.11
C GLY A 212 21.73 27.57 21.98
N HIS A 213 22.89 26.96 22.23
CA HIS A 213 23.93 27.55 23.07
C HIS A 213 24.95 28.24 22.16
N ASN A 214 24.73 29.53 21.91
CA ASN A 214 25.66 30.30 21.08
C ASN A 214 27.03 30.41 21.71
N GLN A 215 27.09 30.59 23.04
CA GLN A 215 28.37 30.62 23.74
C GLN A 215 29.21 29.40 23.45
N ALA A 216 28.65 28.21 23.72
CA ALA A 216 29.34 26.96 23.44
C ALA A 216 29.81 26.94 22.00
N VAL A 217 28.86 27.04 21.06
CA VAL A 217 29.15 27.01 19.63
C VAL A 217 30.33 27.91 19.26
N ALA A 218 30.31 29.16 19.77
CA ALA A 218 31.43 30.07 19.50
C ALA A 218 32.74 29.53 20.05
N ILE A 219 32.69 28.93 21.25
CA ILE A 219 33.90 28.44 21.89
C ILE A 219 34.48 27.24 21.14
N LEU A 220 33.63 26.24 20.86
CA LEU A 220 34.08 25.05 20.14
C LEU A 220 34.58 25.40 18.76
N LEU A 221 33.95 26.37 18.10
CA LEU A 221 34.45 26.77 16.79
C LEU A 221 35.70 27.62 16.91
N GLU A 222 35.98 28.17 18.10
CA GLU A 222 37.14 29.03 18.22
C GLU A 222 38.44 28.26 18.06
N ASN A 223 38.46 26.98 18.44
CA ASN A 223 39.66 26.16 18.29
C ASN A 223 39.31 24.93 17.45
N ASP A 224 39.78 24.92 16.21
CA ASP A 224 39.54 23.84 15.27
C ASP A 224 38.04 23.54 15.10
N VAL A 229 33.60 18.09 10.63
CA VAL A 229 32.89 18.53 11.84
C VAL A 229 31.98 19.72 11.55
N ARG A 230 32.46 20.67 10.74
CA ARG A 230 31.70 21.90 10.53
C ARG A 230 30.42 21.68 9.70
N LEU A 231 30.40 20.70 8.79
CA LEU A 231 29.26 20.61 7.87
C LEU A 231 27.95 20.16 8.53
N PRO A 232 27.88 19.03 9.23
CA PRO A 232 26.59 18.70 9.87
C PRO A 232 26.12 19.78 10.82
N ALA A 233 27.05 20.49 11.44
CA ALA A 233 26.64 21.65 12.20
C ALA A 233 25.94 22.67 11.30
N LEU A 234 26.45 22.87 10.08
CA LEU A 234 25.79 23.82 9.16
C LEU A 234 24.38 23.36 8.77
N HIS A 235 24.16 22.04 8.64
CA HIS A 235 22.82 21.56 8.34
C HIS A 235 21.89 21.81 9.52
N ILE A 236 22.35 21.54 10.75
CA ILE A 236 21.55 21.82 11.94
C ILE A 236 21.24 23.33 12.03
N ALA A 237 22.21 24.17 11.67
CA ALA A 237 21.95 25.62 11.65
C ALA A 237 20.94 25.99 10.60
N ALA A 238 20.90 25.25 9.49
CA ALA A 238 19.89 25.50 8.47
C ALA A 238 18.50 25.12 8.98
N ARG A 239 18.38 24.04 9.76
CA ARG A 239 17.08 23.71 10.31
C ARG A 239 16.66 24.69 11.41
N LYS A 240 17.62 25.14 12.22
CA LYS A 240 17.35 25.93 13.42
C LYS A 240 17.24 27.42 13.15
N ASP A 241 17.45 27.88 11.91
CA ASP A 241 17.47 29.30 11.56
C ASP A 241 18.56 30.04 12.32
N ASP A 242 19.66 29.35 12.63
CA ASP A 242 20.75 29.98 13.39
C ASP A 242 21.67 30.73 12.43
N THR A 243 21.36 32.01 12.20
CA THR A 243 22.21 32.83 11.33
C THR A 243 23.57 33.11 11.96
N LYS A 244 23.63 33.27 13.30
CA LYS A 244 24.91 33.54 13.95
C LYS A 244 25.89 32.40 13.72
N SER A 245 25.50 31.19 14.13
CA SER A 245 26.38 30.03 13.99
C SER A 245 26.63 29.69 12.53
N ALA A 246 25.64 29.95 11.66
CA ALA A 246 25.85 29.72 10.24
C ALA A 246 26.90 30.66 9.66
N ALA A 247 26.85 31.94 10.05
CA ALA A 247 27.89 32.87 9.62
C ALA A 247 29.25 32.50 10.19
N LEU A 248 29.26 31.92 11.39
CA LEU A 248 30.51 31.47 12.00
C LEU A 248 31.09 30.28 11.26
N LEU A 249 30.24 29.34 10.84
CA LEU A 249 30.71 28.12 10.18
C LEU A 249 31.21 28.38 8.78
N LEU A 250 30.79 29.47 8.15
CA LEU A 250 31.10 29.75 6.76
C LEU A 250 32.24 30.76 6.60
N GLN A 251 33.10 30.94 7.60
CA GLN A 251 34.19 31.90 7.44
C GLN A 251 35.46 31.32 6.82
N ASN A 252 35.68 30.02 6.91
CA ASN A 252 36.85 29.39 6.29
C ASN A 252 36.56 28.90 4.88
N ASP A 253 35.28 28.82 4.48
CA ASP A 253 34.91 28.42 3.13
C ASP A 253 35.01 29.62 2.17
N HIS A 254 35.60 29.37 1.01
CA HIS A 254 35.95 30.41 0.06
C HIS A 254 35.07 30.33 -1.19
N ASN A 255 34.70 31.49 -1.73
CA ASN A 255 33.80 31.61 -2.89
C ASN A 255 34.58 31.16 -4.14
N ALA A 256 34.71 29.85 -4.29
CA ALA A 256 35.38 29.26 -5.44
C ALA A 256 34.47 29.28 -6.66
N ASP A 257 35.07 29.08 -7.84
CA ASP A 257 34.31 29.08 -9.08
C ASP A 257 33.48 27.82 -9.27
N VAL A 258 33.64 26.80 -8.41
CA VAL A 258 32.83 25.58 -8.48
C VAL A 258 31.92 25.55 -7.26
N GLN A 259 30.62 25.79 -7.49
CA GLN A 259 29.65 25.82 -6.40
C GLN A 259 29.56 24.49 -5.69
N SER A 260 29.83 23.39 -6.39
CA SER A 260 29.68 22.08 -5.77
C SER A 260 30.72 21.86 -4.67
N LYS A 261 31.92 22.42 -4.84
CA LYS A 261 33.01 22.28 -3.88
C LYS A 261 32.80 23.15 -2.63
N MET A 262 32.05 24.24 -2.74
CA MET A 262 31.83 25.13 -1.60
C MET A 262 31.11 24.39 -0.50
N MET A 263 31.39 24.77 0.75
CA MET A 263 30.72 24.10 1.84
C MET A 263 29.25 24.46 1.93
N VAL A 264 28.84 25.61 1.39
CA VAL A 264 27.44 26.01 1.48
C VAL A 264 26.52 25.18 0.60
N ASN A 265 27.09 24.42 -0.34
CA ASN A 265 26.32 23.57 -1.24
C ASN A 265 26.57 22.08 -1.00
N ARG A 266 27.40 21.72 -0.03
CA ARG A 266 27.61 20.32 0.29
C ARG A 266 26.37 19.73 0.95
N THR A 267 26.09 18.47 0.64
CA THR A 267 24.81 17.82 0.91
C THR A 267 24.87 16.85 2.08
N THR A 268 23.68 16.54 2.57
CA THR A 268 23.48 15.49 3.56
C THR A 268 23.55 14.14 2.85
N GLU A 269 23.26 13.05 3.58
CA GLU A 269 23.19 11.75 2.93
C GLU A 269 21.97 11.64 2.02
N SER A 270 20.96 12.47 2.23
CA SER A 270 19.75 12.51 1.43
C SER A 270 19.87 13.41 0.21
N GLY A 271 21.07 13.91 -0.09
CA GLY A 271 21.27 14.79 -1.22
C GLY A 271 20.82 16.22 -1.01
N PHE A 272 20.21 16.53 0.13
CA PHE A 272 19.69 17.86 0.36
C PHE A 272 20.80 18.82 0.76
N THR A 273 20.78 20.01 0.19
CA THR A 273 21.71 21.06 0.56
C THR A 273 21.15 21.89 1.71
N PRO A 274 22.01 22.65 2.40
CA PRO A 274 21.48 23.56 3.43
C PRO A 274 20.34 24.45 2.95
N LEU A 275 20.43 24.95 1.72
CA LEU A 275 19.33 25.75 1.20
C LEU A 275 18.04 24.95 1.08
N HIS A 276 18.14 23.65 0.73
CA HIS A 276 16.96 22.80 0.69
C HIS A 276 16.29 22.73 2.05
N ILE A 277 17.10 22.59 3.09
CA ILE A 277 16.58 22.44 4.45
C ILE A 277 15.90 23.73 4.90
N ALA A 278 16.60 24.86 4.79
CA ALA A 278 15.98 26.13 5.16
C ALA A 278 14.69 26.32 4.39
N ALA A 279 14.65 25.84 3.14
CA ALA A 279 13.42 25.88 2.36
C ALA A 279 12.37 24.96 2.93
N HIS A 280 12.80 23.90 3.60
CA HIS A 280 11.81 23.04 4.20
C HIS A 280 11.21 23.66 5.46
N TYR A 281 11.98 24.42 6.22
CA TYR A 281 11.47 24.97 7.46
C TYR A 281 11.04 26.43 7.33
N GLY A 282 11.00 26.96 6.10
CA GLY A 282 10.60 28.34 5.94
C GLY A 282 11.54 29.33 6.58
N ASN A 283 12.77 28.91 6.87
CA ASN A 283 13.76 29.76 7.53
C ASN A 283 14.30 30.74 6.49
N VAL A 284 13.70 31.94 6.46
CA VAL A 284 14.05 32.89 5.42
C VAL A 284 15.41 33.52 5.68
N ASN A 285 15.73 33.76 6.96
CA ASN A 285 16.96 34.48 7.31
C ASN A 285 18.21 33.65 7.00
N VAL A 286 18.29 32.42 7.53
CA VAL A 286 19.46 31.60 7.25
C VAL A 286 19.55 31.27 5.78
N ALA A 287 18.40 31.16 5.10
CA ALA A 287 18.45 30.98 3.66
C ALA A 287 19.09 32.19 2.98
N THR A 288 18.71 33.40 3.39
CA THR A 288 19.33 34.58 2.80
C THR A 288 20.82 34.59 3.04
N LEU A 289 21.25 34.16 4.22
CA LEU A 289 22.68 34.07 4.51
C LEU A 289 23.37 33.09 3.55
N LEU A 290 22.80 31.89 3.41
CA LEU A 290 23.40 30.90 2.53
C LEU A 290 23.49 31.41 1.11
N LEU A 291 22.40 32.00 0.60
CA LEU A 291 22.41 32.54 -0.76
C LEU A 291 23.42 33.67 -0.91
N ASN A 292 23.61 34.47 0.14
CA ASN A 292 24.63 35.50 0.08
C ASN A 292 26.04 34.91 0.14
N ARG A 293 26.19 33.72 0.73
CA ARG A 293 27.51 33.10 0.78
C ARG A 293 27.76 32.17 -0.39
N GLY A 294 26.94 32.29 -1.43
CA GLY A 294 27.12 31.55 -2.66
C GLY A 294 26.28 30.31 -2.78
N ALA A 295 25.25 30.16 -1.95
CA ALA A 295 24.45 28.95 -2.07
C ALA A 295 23.72 29.01 -3.39
N ALA A 296 23.86 27.95 -4.18
CA ALA A 296 23.19 27.78 -5.47
C ALA A 296 21.72 27.43 -5.31
N VAL A 297 20.85 28.22 -5.94
CA VAL A 297 19.41 28.17 -5.73
C VAL A 297 18.68 27.01 -6.39
N ASP A 298 19.22 26.41 -7.44
CA ASP A 298 18.52 25.34 -8.17
C ASP A 298 19.24 24.01 -8.16
N PHE A 299 19.83 23.61 -7.02
CA PHE A 299 20.55 22.35 -6.91
C PHE A 299 19.55 21.24 -6.64
N THR A 300 19.51 20.28 -7.54
CA THR A 300 18.58 19.17 -7.43
C THR A 300 19.02 18.07 -6.47
N ALA A 301 18.02 17.40 -5.89
CA ALA A 301 18.19 16.28 -5.01
C ALA A 301 17.16 15.22 -5.37
N ARG A 302 17.52 13.95 -5.16
CA ARG A 302 16.64 12.80 -5.45
C ARG A 302 16.21 12.92 -6.91
N ASN A 303 14.93 12.79 -7.25
CA ASN A 303 14.49 12.90 -8.65
C ASN A 303 14.21 14.34 -9.10
N GLY A 304 15.23 15.18 -9.07
CA GLY A 304 15.00 16.55 -9.52
C GLY A 304 14.34 17.53 -8.58
N ILE A 305 14.33 17.27 -7.27
CA ILE A 305 13.70 18.21 -6.35
C ILE A 305 14.63 19.39 -6.10
N THR A 306 14.14 20.59 -6.34
CA THR A 306 14.87 21.82 -6.08
C THR A 306 14.34 22.46 -4.80
N PRO A 307 15.07 23.42 -4.23
CA PRO A 307 14.54 24.13 -3.07
C PRO A 307 13.22 24.81 -3.33
N LEU A 308 12.97 25.24 -4.56
CA LEU A 308 11.66 25.79 -4.87
C LEU A 308 10.56 24.73 -4.72
N HIS A 309 10.85 23.47 -5.09
CA HIS A 309 9.88 22.39 -4.93
C HIS A 309 9.56 22.16 -3.46
N VAL A 310 10.58 22.14 -2.62
CA VAL A 310 10.35 21.90 -1.20
C VAL A 310 9.57 23.05 -0.60
N ALA A 311 10.04 24.29 -0.81
CA ALA A 311 9.34 25.43 -0.23
C ALA A 311 7.90 25.51 -0.70
N SER A 312 7.65 25.16 -1.97
CA SER A 312 6.30 25.18 -2.50
C SER A 312 5.44 24.08 -1.91
N LYS A 313 5.99 22.87 -1.78
CA LYS A 313 5.18 21.79 -1.24
C LYS A 313 4.77 22.10 0.19
N ARG A 314 5.65 22.72 0.95
CA ARG A 314 5.40 23.01 2.34
C ARG A 314 4.62 24.30 2.57
N GLY A 315 4.45 25.12 1.55
CA GLY A 315 3.69 26.35 1.71
C GLY A 315 4.47 27.52 2.27
N ASN A 316 5.79 27.40 2.38
CA ASN A 316 6.62 28.49 2.87
C ASN A 316 6.61 29.64 1.87
N THR A 317 5.65 30.57 2.02
CA THR A 317 5.45 31.62 1.01
C THR A 317 6.68 32.50 0.81
N ASN A 318 7.23 33.05 1.90
CA ASN A 318 8.39 33.94 1.81
C ASN A 318 9.63 33.21 1.33
N MET A 319 9.76 31.92 1.65
CA MET A 319 10.86 31.16 1.09
C MET A 319 10.74 31.06 -0.42
N VAL A 320 9.52 30.85 -0.91
CA VAL A 320 9.30 30.86 -2.35
C VAL A 320 9.61 32.23 -2.94
N LYS A 321 9.19 33.29 -2.24
CA LYS A 321 9.42 34.64 -2.74
C LYS A 321 10.91 34.91 -2.84
N LEU A 322 11.68 34.54 -1.81
CA LEU A 322 13.12 34.74 -1.84
C LEU A 322 13.75 33.90 -2.94
N LEU A 323 13.30 32.65 -3.09
CA LEU A 323 13.92 31.79 -4.08
C LEU A 323 13.66 32.27 -5.50
N LEU A 324 12.46 32.77 -5.79
CA LEU A 324 12.21 33.35 -7.10
C LEU A 324 13.03 34.62 -7.30
N ASP A 325 13.10 35.46 -6.27
CA ASP A 325 13.87 36.69 -6.42
C ASP A 325 15.33 36.39 -6.69
N ARG A 326 15.85 35.28 -6.15
CA ARG A 326 17.25 34.93 -6.34
C ARG A 326 17.49 34.07 -7.58
N GLY A 327 16.58 34.11 -8.54
CA GLY A 327 16.81 33.38 -9.77
C GLY A 327 16.41 31.91 -9.72
N GLY A 328 15.40 31.57 -8.92
CA GLY A 328 14.92 30.21 -8.91
C GLY A 328 14.07 29.98 -10.14
N GLN A 329 14.22 28.79 -10.74
CA GLN A 329 13.45 28.41 -11.94
C GLN A 329 12.00 28.16 -11.55
N ILE A 330 11.10 29.03 -12.00
CA ILE A 330 9.72 28.85 -11.57
C ILE A 330 9.06 27.64 -12.23
N ASP A 331 9.63 27.12 -13.31
CA ASP A 331 9.04 26.02 -14.06
C ASP A 331 9.87 24.75 -14.01
N ALA A 332 10.72 24.59 -13.00
CA ALA A 332 11.53 23.38 -12.89
C ALA A 332 10.67 22.13 -12.69
N LYS A 333 11.06 21.04 -13.36
CA LYS A 333 10.28 19.81 -13.33
C LYS A 333 11.04 18.69 -12.62
N THR A 334 10.31 17.90 -11.83
CA THR A 334 10.86 16.69 -11.25
C THR A 334 10.99 15.65 -12.36
N ARG A 335 11.22 14.39 -12.00
CA ARG A 335 11.37 13.41 -13.08
C ARG A 335 10.08 13.18 -13.82
N ASP A 336 8.97 13.12 -13.09
CA ASP A 336 7.65 12.87 -13.65
C ASP A 336 6.95 14.12 -14.15
N GLY A 337 7.49 15.30 -13.86
CA GLY A 337 6.95 16.52 -14.39
C GLY A 337 6.25 17.45 -13.43
N LEU A 338 6.51 17.37 -12.14
CA LEU A 338 5.90 18.26 -11.17
C LEU A 338 6.63 19.61 -11.20
N THR A 339 5.88 20.67 -11.44
CA THR A 339 6.42 22.01 -11.28
C THR A 339 6.10 22.51 -9.88
N PRO A 340 6.77 23.56 -9.41
CA PRO A 340 6.41 24.10 -8.09
C PRO A 340 4.93 24.43 -7.95
N LEU A 341 4.30 24.94 -9.01
CA LEU A 341 2.87 25.19 -8.93
C LEU A 341 2.09 23.88 -8.74
N HIS A 342 2.56 22.79 -9.36
CA HIS A 342 1.92 21.50 -9.13
C HIS A 342 1.94 21.12 -7.67
N CYS A 343 3.12 21.18 -7.04
CA CYS A 343 3.25 20.79 -5.65
C CYS A 343 2.39 21.67 -4.74
N ALA A 344 2.44 22.99 -4.95
CA ALA A 344 1.67 23.88 -4.10
C ALA A 344 0.17 23.65 -4.29
N ALA A 345 -0.27 23.34 -5.52
CA ALA A 345 -1.69 23.09 -5.78
C ALA A 345 -2.14 21.79 -5.16
N ARG A 346 -1.29 20.77 -5.19
CA ARG A 346 -1.63 19.48 -4.62
C ARG A 346 -1.83 19.58 -3.12
N SER A 347 -1.09 20.48 -2.47
CA SER A 347 -1.08 20.58 -1.02
C SER A 347 -2.03 21.64 -0.47
N GLY A 348 -2.76 22.35 -1.32
CA GLY A 348 -3.70 23.31 -0.78
C GLY A 348 -3.09 24.59 -0.27
N HIS A 349 -1.87 24.93 -0.69
CA HIS A 349 -1.20 26.17 -0.29
C HIS A 349 -1.57 27.25 -1.27
N ASP A 350 -2.79 27.78 -1.10
CA ASP A 350 -3.32 28.74 -2.04
C ASP A 350 -2.55 30.07 -2.07
N GLN A 351 -1.85 30.43 -0.98
CA GLN A 351 -1.02 31.64 -1.02
C GLN A 351 0.20 31.43 -1.91
N VAL A 352 0.86 30.28 -1.79
CA VAL A 352 1.98 29.96 -2.68
C VAL A 352 1.48 29.78 -4.11
N VAL A 353 0.27 29.26 -4.28
CA VAL A 353 -0.28 29.17 -5.63
C VAL A 353 -0.46 30.56 -6.22
N GLU A 354 -1.00 31.49 -5.42
CA GLU A 354 -1.24 32.83 -5.96
C GLU A 354 0.08 33.54 -6.23
N LEU A 355 1.05 33.40 -5.34
CA LEU A 355 2.35 34.01 -5.59
C LEU A 355 3.00 33.43 -6.84
N LEU A 356 2.98 32.11 -6.97
CA LEU A 356 3.56 31.49 -8.16
C LEU A 356 2.86 31.94 -9.42
N LEU A 357 1.54 32.08 -9.37
CA LEU A 357 0.78 32.47 -10.56
C LEU A 357 1.06 33.92 -10.96
N GLU A 358 1.12 34.81 -9.98
CA GLU A 358 1.40 36.21 -10.27
C GLU A 358 2.81 36.40 -10.81
N ARG A 359 3.74 35.54 -10.40
CA ARG A 359 5.09 35.62 -10.95
C ARG A 359 5.20 34.96 -12.33
N GLY A 360 4.10 34.45 -12.86
CA GLY A 360 4.09 33.92 -14.22
C GLY A 360 4.40 32.44 -14.30
N ALA A 361 3.85 31.65 -13.40
CA ALA A 361 4.10 30.23 -13.46
C ALA A 361 3.28 29.64 -14.60
N PRO A 362 3.85 28.70 -15.37
CA PRO A 362 3.07 27.99 -16.38
C PRO A 362 1.82 27.34 -15.81
N LEU A 363 0.67 27.93 -16.15
CA LEU A 363 -0.61 27.51 -15.59
C LEU A 363 -0.98 26.09 -16.03
N LEU A 364 -0.54 25.67 -17.21
CA LEU A 364 -0.93 24.39 -17.78
C LEU A 364 0.28 23.45 -17.96
N ALA A 365 1.27 23.55 -17.12
CA ALA A 365 2.33 22.56 -17.14
C ALA A 365 1.75 21.20 -16.84
N ARG A 366 2.33 20.17 -17.41
CA ARG A 366 1.72 18.85 -17.29
C ARG A 366 2.75 17.83 -16.84
N THR A 367 2.28 16.89 -16.02
CA THR A 367 3.09 15.78 -15.56
C THR A 367 3.19 14.74 -16.68
N LYS A 368 3.79 13.60 -16.42
CA LYS A 368 3.95 12.60 -17.47
C LYS A 368 2.65 11.97 -17.94
N ASN A 369 1.60 12.01 -17.11
CA ASN A 369 0.26 11.53 -17.50
C ASN A 369 -0.67 12.68 -17.83
N GLY A 370 -0.15 13.90 -17.87
CA GLY A 370 -0.87 15.04 -18.37
C GLY A 370 -1.65 15.83 -17.37
N LEU A 371 -1.32 15.77 -16.09
CA LEU A 371 -2.09 16.49 -15.10
C LEU A 371 -1.66 17.95 -15.00
N SER A 372 -2.63 18.82 -15.10
CA SER A 372 -2.48 20.23 -14.85
C SER A 372 -2.42 20.50 -13.35
N PRO A 373 -1.90 21.65 -12.92
CA PRO A 373 -2.03 22.01 -11.50
C PRO A 373 -3.47 21.97 -11.01
N LEU A 374 -4.42 22.26 -11.89
CA LEU A 374 -5.84 22.16 -11.52
C LEU A 374 -6.24 20.73 -11.16
N HIS A 375 -5.69 19.72 -11.86
CA HIS A 375 -6.01 18.34 -11.50
C HIS A 375 -5.52 18.01 -10.10
N MET A 376 -4.34 18.54 -9.71
CA MET A 376 -3.84 18.30 -8.35
C MET A 376 -4.73 18.97 -7.31
N ALA A 377 -5.02 20.26 -7.52
CA ALA A 377 -5.85 20.99 -6.57
C ALA A 377 -7.19 20.32 -6.39
N ALA A 378 -7.81 19.86 -7.47
CA ALA A 378 -9.05 19.11 -7.33
C ALA A 378 -8.84 17.77 -6.64
N GLN A 379 -7.66 17.17 -6.80
CA GLN A 379 -7.38 15.86 -6.23
C GLN A 379 -7.22 15.92 -4.72
N GLY A 380 -6.92 17.08 -4.17
CA GLY A 380 -6.79 17.23 -2.73
C GLY A 380 -7.95 18.00 -2.11
N ASP A 381 -9.06 18.15 -2.84
CA ASP A 381 -10.24 18.91 -2.40
C ASP A 381 -9.92 20.35 -2.01
N HIS A 382 -8.86 20.92 -2.56
CA HIS A 382 -8.47 22.29 -2.23
C HIS A 382 -9.26 23.27 -3.09
N VAL A 383 -10.31 23.83 -2.49
CA VAL A 383 -11.23 24.70 -3.20
C VAL A 383 -10.55 26.02 -3.56
N GLU A 384 -9.77 26.56 -2.64
CA GLU A 384 -9.17 27.86 -2.89
C GLU A 384 -8.13 27.81 -4.01
N CYS A 385 -7.40 26.70 -4.15
CA CYS A 385 -6.44 26.59 -5.24
C CYS A 385 -7.14 26.50 -6.58
N VAL A 386 -8.29 25.80 -6.64
CA VAL A 386 -9.09 25.77 -7.86
C VAL A 386 -9.65 27.15 -8.16
N LYS A 387 -10.07 27.90 -7.13
CA LYS A 387 -10.59 29.24 -7.36
C LYS A 387 -9.52 30.15 -7.95
N HIS A 388 -8.29 30.08 -7.40
CA HIS A 388 -7.22 30.92 -7.92
C HIS A 388 -6.74 30.43 -9.29
N LEU A 389 -6.82 29.14 -9.54
CA LEU A 389 -6.39 28.61 -10.83
C LEU A 389 -7.38 28.99 -11.93
N LEU A 390 -8.68 28.86 -11.67
CA LEU A 390 -9.65 29.30 -12.65
C LEU A 390 -9.69 30.82 -12.77
N GLN A 391 -9.41 31.55 -11.68
CA GLN A 391 -9.34 33.01 -11.77
C GLN A 391 -8.29 33.45 -12.76
N HIS A 392 -7.16 32.74 -12.81
CA HIS A 392 -6.10 33.02 -13.77
C HIS A 392 -6.32 32.30 -15.08
N LYS A 393 -7.60 32.08 -15.45
CA LYS A 393 -7.99 31.55 -16.76
C LYS A 393 -7.48 30.12 -16.98
N ALA A 394 -7.69 29.27 -15.98
CA ALA A 394 -7.39 27.92 -16.38
C ALA A 394 -8.66 27.30 -16.96
N PRO A 395 -8.54 26.47 -18.01
CA PRO A 395 -9.72 25.82 -18.57
C PRO A 395 -10.29 24.82 -17.58
N VAL A 396 -11.58 24.98 -17.22
CA VAL A 396 -12.12 24.14 -16.16
C VAL A 396 -12.20 22.69 -16.61
N ASP A 397 -12.34 22.46 -17.91
CA ASP A 397 -12.41 21.09 -18.43
C ASP A 397 -11.11 20.68 -19.12
N ASP A 398 -9.99 21.25 -18.69
CA ASP A 398 -8.72 20.81 -19.22
C ASP A 398 -8.50 19.34 -18.86
N VAL A 399 -8.19 18.55 -19.89
CA VAL A 399 -8.15 17.11 -19.78
C VAL A 399 -6.71 16.61 -19.61
N THR A 400 -6.60 15.41 -19.05
CA THR A 400 -5.31 14.74 -18.92
C THR A 400 -4.97 14.01 -20.21
N LEU A 401 -4.06 13.03 -20.13
CA LEU A 401 -3.76 12.23 -21.30
C LEU A 401 -4.86 11.21 -21.56
N ASP A 402 -5.55 10.80 -20.50
CA ASP A 402 -6.71 9.95 -20.65
C ASP A 402 -8.00 10.77 -20.64
N TYR A 403 -7.90 12.08 -20.85
CA TYR A 403 -9.07 12.92 -21.04
C TYR A 403 -9.95 12.97 -19.80
N LEU A 404 -9.31 13.12 -18.63
CA LEU A 404 -10.01 13.25 -17.36
C LEU A 404 -10.07 14.73 -17.02
N THR A 405 -11.27 15.30 -16.99
CA THR A 405 -11.36 16.66 -16.53
C THR A 405 -11.12 16.72 -15.01
N ALA A 406 -10.99 17.95 -14.47
CA ALA A 406 -10.85 18.09 -13.03
C ALA A 406 -12.08 17.54 -12.33
N LEU A 407 -13.23 17.60 -12.99
CA LEU A 407 -14.45 17.01 -12.43
C LEU A 407 -14.35 15.49 -12.35
N HIS A 408 -13.63 14.86 -13.29
CA HIS A 408 -13.42 13.41 -13.21
C HIS A 408 -12.64 13.05 -11.96
N VAL A 409 -11.56 13.77 -11.70
CA VAL A 409 -10.74 13.49 -10.51
C VAL A 409 -11.53 13.79 -9.24
N ALA A 410 -12.23 14.93 -9.18
CA ALA A 410 -13.01 15.22 -8.00
C ALA A 410 -14.11 14.18 -7.78
N ALA A 411 -14.58 13.54 -8.85
CA ALA A 411 -15.56 12.48 -8.64
C ALA A 411 -14.90 11.19 -8.16
N HIS A 412 -13.70 10.87 -8.67
CA HIS A 412 -13.04 9.63 -8.27
C HIS A 412 -12.65 9.63 -6.80
N CYS A 413 -12.41 10.80 -6.22
CA CYS A 413 -11.99 10.92 -4.84
C CYS A 413 -13.16 11.18 -3.91
N GLY A 414 -14.37 11.36 -4.45
CA GLY A 414 -15.51 11.63 -3.60
C GLY A 414 -15.52 12.99 -2.96
N HIS A 415 -14.68 13.90 -3.42
CA HIS A 415 -14.60 15.22 -2.80
C HIS A 415 -15.82 16.04 -3.23
N TYR A 416 -16.68 16.35 -2.26
CA TYR A 416 -17.93 17.05 -2.57
C TYR A 416 -17.70 18.53 -2.87
N ARG A 417 -16.86 19.21 -2.08
CA ARG A 417 -16.75 20.66 -2.20
C ARG A 417 -16.17 21.06 -3.55
N VAL A 418 -15.09 20.40 -3.97
CA VAL A 418 -14.46 20.75 -5.24
C VAL A 418 -15.35 20.35 -6.42
N THR A 419 -16.10 19.24 -6.30
CA THR A 419 -17.07 18.92 -7.35
C THR A 419 -18.14 19.99 -7.45
N LYS A 420 -18.62 20.50 -6.33
CA LYS A 420 -19.63 21.57 -6.37
C LYS A 420 -19.05 22.81 -7.05
N LEU A 421 -17.83 23.22 -6.66
CA LEU A 421 -17.24 24.40 -7.28
C LEU A 421 -17.00 24.20 -8.77
N LEU A 422 -16.47 23.04 -9.17
CA LEU A 422 -16.19 22.80 -10.57
C LEU A 422 -17.47 22.85 -11.39
N LEU A 423 -18.54 22.20 -10.90
CA LEU A 423 -19.82 22.29 -11.61
C LEU A 423 -20.37 23.71 -11.64
N ASP A 424 -20.16 24.48 -10.56
CA ASP A 424 -20.63 25.85 -10.57
C ASP A 424 -19.86 26.72 -11.55
N LYS A 425 -18.61 26.39 -11.82
CA LYS A 425 -17.82 27.13 -12.80
C LYS A 425 -17.97 26.57 -14.20
N ARG A 426 -19.11 25.92 -14.48
CA ARG A 426 -19.54 25.51 -15.82
C ARG A 426 -18.69 24.35 -16.37
N ALA A 427 -18.27 23.44 -15.48
CA ALA A 427 -17.64 22.21 -15.92
C ALA A 427 -18.70 21.22 -16.40
N ASN A 428 -18.43 20.55 -17.51
CA ASN A 428 -19.39 19.65 -18.15
C ASN A 428 -19.56 18.36 -17.34
N PRO A 429 -20.75 18.09 -16.79
CA PRO A 429 -20.93 16.86 -16.00
C PRO A 429 -21.01 15.62 -16.84
N ASN A 430 -21.08 15.74 -18.16
CA ASN A 430 -21.16 14.59 -19.05
C ASN A 430 -19.88 14.39 -19.84
N ALA A 431 -18.79 14.96 -19.36
CA ALA A 431 -17.56 14.86 -20.10
C ALA A 431 -17.18 13.39 -20.23
N ARG A 432 -16.86 12.97 -21.44
CA ARG A 432 -16.48 11.58 -21.65
C ARG A 432 -14.99 11.45 -21.39
N ALA A 433 -14.60 10.38 -20.72
CA ALA A 433 -13.19 10.18 -20.45
C ALA A 433 -12.58 9.35 -21.58
N LEU A 434 -11.41 8.78 -21.35
CA LEU A 434 -10.74 8.04 -22.42
C LEU A 434 -11.56 6.85 -22.86
N ASN A 435 -12.15 6.14 -21.91
CA ASN A 435 -12.91 4.95 -22.25
C ASN A 435 -14.40 5.20 -22.40
N GLY A 436 -14.82 6.45 -22.36
CA GLY A 436 -16.22 6.79 -22.43
C GLY A 436 -16.80 7.05 -21.05
N PHE A 437 -16.00 6.83 -20.01
CA PHE A 437 -16.45 7.03 -18.64
C PHE A 437 -16.80 8.47 -18.36
N THR A 438 -17.88 8.67 -17.66
CA THR A 438 -18.34 10.02 -17.35
C THR A 438 -18.24 10.27 -15.85
N PRO A 439 -18.03 11.50 -15.40
CA PRO A 439 -17.86 11.69 -13.95
C PRO A 439 -18.90 10.93 -13.12
N LEU A 440 -20.12 10.70 -13.67
CA LEU A 440 -21.12 9.89 -12.97
C LEU A 440 -20.74 8.42 -12.90
N HIS A 441 -20.17 7.87 -13.98
CA HIS A 441 -19.67 6.50 -13.98
C HIS A 441 -18.61 6.31 -12.91
N ILE A 442 -17.66 7.24 -12.84
CA ILE A 442 -16.54 7.13 -11.90
C ILE A 442 -17.02 7.28 -10.46
N ALA A 443 -17.86 8.28 -10.19
CA ALA A 443 -18.39 8.40 -8.83
C ALA A 443 -19.22 7.17 -8.47
N CYS A 444 -19.82 6.49 -9.45
CA CYS A 444 -20.56 5.27 -9.17
C CYS A 444 -19.64 4.09 -8.93
N LYS A 445 -18.48 4.04 -9.57
CA LYS A 445 -17.59 2.92 -9.34
C LYS A 445 -16.90 3.00 -7.98
N LYS A 446 -16.80 4.21 -7.41
CA LYS A 446 -16.12 4.39 -6.13
C LYS A 446 -17.08 4.68 -4.98
N ASN A 447 -18.38 4.49 -5.19
CA ASN A 447 -19.40 4.53 -4.13
C ASN A 447 -19.44 5.89 -3.43
N ARG A 448 -19.57 6.96 -4.23
CA ARG A 448 -19.68 8.32 -3.71
C ARG A 448 -21.13 8.80 -3.83
N ILE A 449 -21.96 8.49 -2.85
CA ILE A 449 -23.37 8.88 -2.91
C ILE A 449 -23.51 10.39 -2.97
N LYS A 450 -22.75 11.12 -2.14
CA LYS A 450 -22.81 12.58 -2.15
C LYS A 450 -22.49 13.11 -3.54
N VAL A 451 -21.32 12.76 -4.07
CA VAL A 451 -20.89 13.29 -5.35
C VAL A 451 -21.78 12.80 -6.49
N MET A 452 -22.28 11.57 -6.42
CA MET A 452 -23.15 11.05 -7.47
C MET A 452 -24.45 11.83 -7.52
N GLU A 453 -25.10 12.01 -6.37
CA GLU A 453 -26.33 12.79 -6.34
C GLU A 453 -26.08 14.21 -6.80
N LEU A 454 -24.95 14.81 -6.39
CA LEU A 454 -24.65 16.17 -6.83
C LEU A 454 -24.48 16.24 -8.34
N LEU A 455 -23.78 15.27 -8.94
CA LEU A 455 -23.59 15.27 -10.39
C LEU A 455 -24.92 15.14 -11.11
N VAL A 456 -25.79 14.27 -10.61
CA VAL A 456 -27.10 14.11 -11.23
C VAL A 456 -27.91 15.40 -11.12
N LYS A 457 -27.75 16.12 -10.00
CA LYS A 457 -28.48 17.37 -9.86
C LYS A 457 -28.06 18.35 -10.94
N TYR A 458 -26.78 18.33 -11.31
CA TYR A 458 -26.24 19.26 -12.28
C TYR A 458 -26.28 18.70 -13.71
N GLY A 459 -27.06 17.66 -13.95
CA GLY A 459 -27.38 17.22 -15.29
C GLY A 459 -26.65 16.02 -15.85
N ALA A 460 -25.98 15.23 -15.03
CA ALA A 460 -25.31 14.05 -15.56
C ALA A 460 -26.34 13.07 -16.10
N SER A 461 -26.11 12.58 -17.32
CA SER A 461 -27.04 11.63 -17.93
C SER A 461 -27.06 10.35 -17.12
N ILE A 462 -28.25 9.96 -16.65
CA ILE A 462 -28.39 8.81 -15.77
C ILE A 462 -28.02 7.53 -16.50
N GLN A 463 -28.34 7.46 -17.79
CA GLN A 463 -28.16 6.27 -18.60
C GLN A 463 -27.17 6.48 -19.74
N ALA A 464 -26.10 7.24 -19.47
CA ALA A 464 -24.99 7.36 -20.41
C ALA A 464 -24.17 6.09 -20.41
N ILE A 465 -23.68 5.68 -21.59
CA ILE A 465 -22.93 4.43 -21.66
C ILE A 465 -21.45 4.72 -21.90
N THR A 466 -20.62 3.75 -21.55
CA THR A 466 -19.20 3.83 -21.86
C THR A 466 -18.97 3.25 -23.25
N GLU A 467 -17.69 3.08 -23.62
CA GLU A 467 -17.40 2.43 -24.90
C GLU A 467 -17.80 0.95 -24.89
N SER A 468 -17.81 0.32 -23.72
CA SER A 468 -18.28 -1.06 -23.62
C SER A 468 -19.74 -1.14 -23.24
N GLY A 469 -20.43 0.00 -23.23
CA GLY A 469 -21.87 0.03 -23.05
C GLY A 469 -22.39 -0.12 -21.64
N LEU A 470 -21.60 0.23 -20.64
CA LEU A 470 -22.01 0.13 -19.25
C LEU A 470 -22.63 1.44 -18.80
N THR A 471 -23.89 1.39 -18.37
CA THR A 471 -24.54 2.52 -17.72
C THR A 471 -24.00 2.65 -16.30
N PRO A 472 -24.30 3.75 -15.60
CA PRO A 472 -23.97 3.79 -14.17
C PRO A 472 -24.60 2.67 -13.37
N ILE A 473 -25.81 2.23 -13.70
CA ILE A 473 -26.41 1.15 -12.92
C ILE A 473 -25.72 -0.18 -13.20
N HIS A 474 -25.14 -0.36 -14.40
CA HIS A 474 -24.28 -1.52 -14.64
C HIS A 474 -23.10 -1.50 -13.68
N VAL A 475 -22.42 -0.35 -13.58
CA VAL A 475 -21.19 -0.26 -12.79
C VAL A 475 -21.49 -0.44 -11.31
N ALA A 476 -22.51 0.26 -10.80
CA ALA A 476 -22.83 0.13 -9.39
C ALA A 476 -23.37 -1.27 -9.07
N ALA A 477 -24.14 -1.87 -9.98
CA ALA A 477 -24.67 -3.21 -9.71
C ALA A 477 -23.55 -4.26 -9.69
N PHE A 478 -22.60 -4.15 -10.62
CA PHE A 478 -21.50 -5.09 -10.65
C PHE A 478 -20.57 -4.91 -9.47
N MET A 479 -20.45 -3.70 -8.96
CA MET A 479 -19.56 -3.40 -7.85
C MET A 479 -20.23 -3.55 -6.50
N GLY A 480 -21.52 -3.89 -6.48
CA GLY A 480 -22.26 -4.15 -5.26
C GLY A 480 -22.71 -2.93 -4.48
N HIS A 481 -22.52 -1.73 -5.00
CA HIS A 481 -22.95 -0.53 -4.31
C HIS A 481 -24.47 -0.44 -4.31
N LEU A 482 -25.09 -0.96 -3.25
CA LEU A 482 -26.54 -1.09 -3.24
C LEU A 482 -27.25 0.26 -3.15
N ASN A 483 -26.71 1.21 -2.38
CA ASN A 483 -27.35 2.51 -2.26
C ASN A 483 -27.32 3.24 -3.58
N ILE A 484 -26.24 3.08 -4.34
CA ILE A 484 -26.17 3.74 -5.64
C ILE A 484 -27.17 3.11 -6.61
N VAL A 485 -27.28 1.77 -6.60
CA VAL A 485 -28.29 1.12 -7.43
C VAL A 485 -29.68 1.62 -7.04
N LEU A 486 -29.89 1.84 -5.75
CA LEU A 486 -31.16 2.37 -5.27
C LEU A 486 -31.41 3.77 -5.82
N LEU A 487 -30.43 4.66 -5.67
CA LEU A 487 -30.61 6.05 -6.11
C LEU A 487 -30.80 6.16 -7.62
N LEU A 488 -30.05 5.36 -8.38
CA LEU A 488 -30.24 5.36 -9.82
C LEU A 488 -31.62 4.84 -10.19
N LEU A 489 -32.05 3.75 -9.54
CA LEU A 489 -33.39 3.23 -9.83
C LEU A 489 -34.47 4.25 -9.46
N GLN A 490 -34.31 4.94 -8.34
CA GLN A 490 -35.28 5.97 -7.96
C GLN A 490 -35.22 7.19 -8.86
N ASN A 491 -34.08 7.44 -9.51
CA ASN A 491 -33.95 8.56 -10.43
C ASN A 491 -34.45 8.26 -11.83
N GLY A 492 -34.94 7.06 -12.09
CA GLY A 492 -35.44 6.72 -13.40
C GLY A 492 -34.51 5.90 -14.26
N ALA A 493 -33.50 5.28 -13.68
CA ALA A 493 -32.59 4.44 -14.46
C ALA A 493 -33.31 3.15 -14.79
N SER A 494 -33.48 2.87 -16.06
CA SER A 494 -34.03 1.59 -16.48
C SER A 494 -32.95 0.52 -16.31
N PRO A 495 -33.18 -0.51 -15.51
CA PRO A 495 -32.15 -1.55 -15.34
C PRO A 495 -31.96 -2.43 -16.56
N ASP A 496 -32.76 -2.23 -17.62
CA ASP A 496 -32.73 -3.11 -18.79
C ASP A 496 -31.89 -2.59 -19.96
N VAL A 497 -31.10 -1.52 -19.78
CA VAL A 497 -30.11 -1.15 -20.78
C VAL A 497 -29.04 -2.22 -20.89
N THR A 498 -28.64 -2.54 -22.12
CA THR A 498 -27.69 -3.62 -22.35
C THR A 498 -26.32 -3.07 -22.74
N ASN A 499 -25.26 -3.83 -22.43
CA ASN A 499 -23.92 -3.51 -22.88
C ASN A 499 -23.62 -4.22 -24.21
N ILE A 500 -22.39 -4.05 -24.73
CA ILE A 500 -22.06 -4.65 -26.02
C ILE A 500 -22.00 -6.17 -25.98
N ARG A 501 -21.96 -6.77 -24.80
CA ARG A 501 -22.12 -8.20 -24.70
C ARG A 501 -23.59 -8.59 -24.58
N GLY A 502 -24.49 -7.61 -24.69
CA GLY A 502 -25.92 -7.83 -24.59
C GLY A 502 -26.48 -7.94 -23.20
N GLU A 503 -25.66 -7.73 -22.17
CA GLU A 503 -26.05 -8.00 -20.78
C GLU A 503 -26.65 -6.76 -20.10
N THR A 504 -27.72 -6.99 -19.34
CA THR A 504 -28.33 -5.95 -18.52
C THR A 504 -27.62 -5.90 -17.17
N ALA A 505 -28.07 -5.00 -16.29
CA ALA A 505 -27.42 -4.89 -14.98
C ALA A 505 -27.59 -6.17 -14.17
N LEU A 506 -28.69 -6.88 -14.40
CA LEU A 506 -28.91 -8.13 -13.69
C LEU A 506 -27.89 -9.19 -14.08
N HIS A 507 -27.53 -9.27 -15.37
CA HIS A 507 -26.55 -10.26 -15.81
C HIS A 507 -25.24 -10.09 -15.05
N MET A 508 -24.70 -8.87 -15.06
CA MET A 508 -23.42 -8.63 -14.40
C MET A 508 -23.53 -8.67 -12.89
N ALA A 509 -24.67 -8.21 -12.34
CA ALA A 509 -24.88 -8.33 -10.89
C ALA A 509 -24.86 -9.79 -10.46
N ALA A 510 -25.31 -10.70 -11.32
CA ALA A 510 -25.21 -12.12 -11.05
C ALA A 510 -23.81 -12.67 -11.34
N ARG A 511 -23.12 -12.13 -12.34
CA ARG A 511 -21.79 -12.64 -12.63
C ARG A 511 -20.85 -12.36 -11.47
N ALA A 512 -21.01 -11.20 -10.82
CA ALA A 512 -20.18 -10.82 -9.69
C ALA A 512 -20.65 -11.41 -8.37
N GLY A 513 -21.90 -11.88 -8.31
CA GLY A 513 -22.40 -12.51 -7.11
C GLY A 513 -23.06 -11.60 -6.10
N GLN A 514 -23.28 -10.32 -6.42
CA GLN A 514 -23.89 -9.38 -5.48
C GLN A 514 -25.36 -9.75 -5.32
N VAL A 515 -25.66 -10.48 -4.26
CA VAL A 515 -27.00 -11.04 -4.10
C VAL A 515 -28.01 -9.95 -3.76
N GLU A 516 -27.66 -9.06 -2.82
CA GLU A 516 -28.61 -8.02 -2.43
C GLU A 516 -28.96 -7.12 -3.60
N VAL A 517 -27.97 -6.83 -4.46
CA VAL A 517 -28.22 -6.02 -5.65
C VAL A 517 -29.14 -6.73 -6.63
N VAL A 518 -28.95 -8.05 -6.80
CA VAL A 518 -29.84 -8.82 -7.67
C VAL A 518 -31.27 -8.76 -7.13
N ARG A 519 -31.42 -8.89 -5.81
CA ARG A 519 -32.76 -8.79 -5.24
C ARG A 519 -33.36 -7.41 -5.46
N CYS A 520 -32.52 -6.37 -5.34
CA CYS A 520 -33.00 -5.00 -5.54
C CYS A 520 -33.42 -4.75 -6.97
N LEU A 521 -32.67 -5.28 -7.93
CA LEU A 521 -33.02 -5.13 -9.35
C LEU A 521 -34.30 -5.87 -9.66
N LEU A 522 -34.41 -7.12 -9.21
CA LEU A 522 -35.60 -7.90 -9.45
C LEU A 522 -36.83 -7.25 -8.86
N ARG A 523 -36.70 -6.73 -7.63
CA ARG A 523 -37.81 -6.06 -6.96
C ARG A 523 -38.20 -4.76 -7.66
N ASN A 524 -37.33 -4.20 -8.50
CA ASN A 524 -37.60 -2.92 -9.14
C ASN A 524 -37.82 -3.05 -10.65
N GLY A 525 -38.40 -4.17 -11.09
CA GLY A 525 -38.78 -4.33 -12.47
C GLY A 525 -37.78 -4.90 -13.44
N ALA A 526 -36.61 -5.37 -12.97
CA ALA A 526 -35.62 -5.90 -13.90
C ALA A 526 -36.18 -7.16 -14.58
N LEU A 527 -35.87 -7.31 -15.87
CA LEU A 527 -36.36 -8.47 -16.60
C LEU A 527 -35.67 -9.69 -16.03
N VAL A 528 -36.43 -10.69 -15.62
CA VAL A 528 -35.82 -11.86 -14.98
C VAL A 528 -35.01 -12.70 -15.96
N ASP A 529 -35.51 -12.88 -17.16
CA ASP A 529 -34.88 -13.76 -18.14
C ASP A 529 -34.37 -12.99 -19.36
N ALA A 530 -33.79 -11.82 -19.13
CA ALA A 530 -33.28 -11.02 -20.24
C ALA A 530 -32.20 -11.81 -20.97
N ARG A 531 -32.17 -11.69 -22.29
CA ARG A 531 -31.23 -12.42 -23.12
C ARG A 531 -30.03 -11.58 -23.51
N ALA A 532 -28.86 -12.21 -23.51
CA ALA A 532 -27.64 -11.54 -23.92
C ALA A 532 -27.05 -12.25 -25.12
N ARG A 533 -25.75 -12.12 -25.35
CA ARG A 533 -25.10 -12.91 -26.39
C ARG A 533 -25.31 -14.39 -26.08
N GLU A 534 -25.58 -15.18 -27.11
CA GLU A 534 -25.93 -16.59 -27.02
C GLU A 534 -27.32 -16.82 -26.44
N GLU A 535 -28.16 -15.78 -26.34
CA GLU A 535 -29.51 -15.86 -25.76
C GLU A 535 -29.50 -16.40 -24.34
N GLN A 536 -28.47 -16.07 -23.56
CA GLN A 536 -28.36 -16.61 -22.21
C GLN A 536 -28.91 -15.63 -21.18
N THR A 537 -29.73 -16.15 -20.27
CA THR A 537 -30.34 -15.38 -19.18
C THR A 537 -29.41 -15.31 -17.98
N PRO A 538 -29.70 -14.44 -17.00
CA PRO A 538 -28.87 -14.42 -15.80
C PRO A 538 -28.82 -15.76 -15.09
N LEU A 539 -29.86 -16.59 -15.23
CA LEU A 539 -29.84 -17.91 -14.61
C LEU A 539 -28.73 -18.78 -15.18
N HIS A 540 -28.43 -18.64 -16.47
CA HIS A 540 -27.34 -19.40 -17.05
C HIS A 540 -26.01 -19.02 -16.42
N ILE A 541 -25.78 -17.71 -16.24
CA ILE A 541 -24.53 -17.28 -15.64
C ILE A 541 -24.46 -17.70 -14.18
N ALA A 542 -25.57 -17.60 -13.44
CA ALA A 542 -25.55 -18.03 -12.04
C ALA A 542 -25.27 -19.53 -11.92
N SER A 543 -25.77 -20.33 -12.87
CA SER A 543 -25.49 -21.76 -12.84
C SER A 543 -24.04 -22.05 -13.22
N ARG A 544 -23.49 -21.29 -14.15
CA ARG A 544 -22.13 -21.57 -14.59
C ARG A 544 -21.14 -21.31 -13.46
N LEU A 545 -21.42 -20.30 -12.63
CA LEU A 545 -20.53 -19.88 -11.57
C LEU A 545 -20.91 -20.44 -10.21
N GLY A 546 -21.90 -21.32 -10.14
CA GLY A 546 -22.24 -21.91 -8.86
C GLY A 546 -22.88 -20.98 -7.86
N LYS A 547 -23.36 -19.82 -8.29
CA LYS A 547 -24.02 -18.90 -7.38
C LYS A 547 -25.35 -19.52 -6.99
N THR A 548 -25.33 -20.38 -5.97
CA THR A 548 -26.53 -21.13 -5.60
C THR A 548 -27.64 -20.20 -5.11
N GLU A 549 -27.31 -19.30 -4.19
CA GLU A 549 -28.34 -18.41 -3.65
C GLU A 549 -28.98 -17.56 -4.74
N ILE A 550 -28.19 -17.13 -5.72
CA ILE A 550 -28.72 -16.32 -6.81
C ILE A 550 -29.59 -17.16 -7.75
N VAL A 551 -29.25 -18.44 -7.96
CA VAL A 551 -30.16 -19.32 -8.69
C VAL A 551 -31.49 -19.39 -7.96
N GLN A 552 -31.45 -19.47 -6.63
CA GLN A 552 -32.68 -19.46 -5.84
C GLN A 552 -33.45 -18.15 -6.06
N LEU A 553 -32.75 -17.01 -6.04
CA LEU A 553 -33.42 -15.72 -6.15
C LEU A 553 -34.05 -15.52 -7.52
N LEU A 554 -33.34 -15.92 -8.59
CA LEU A 554 -33.88 -15.79 -9.93
C LEU A 554 -35.08 -16.72 -10.13
N LEU A 555 -34.93 -17.98 -9.70
CA LEU A 555 -36.03 -18.94 -9.82
C LEU A 555 -37.27 -18.47 -9.08
N GLN A 556 -37.08 -17.88 -7.90
CA GLN A 556 -38.22 -17.39 -7.11
C GLN A 556 -38.96 -16.27 -7.82
N HIS A 557 -38.25 -15.46 -8.61
CA HIS A 557 -38.86 -14.37 -9.35
C HIS A 557 -39.26 -14.76 -10.77
N MET A 558 -39.77 -15.99 -10.95
CA MET A 558 -40.38 -16.43 -12.21
C MET A 558 -39.37 -16.51 -13.35
N ALA A 559 -38.17 -17.02 -13.08
CA ALA A 559 -37.21 -17.32 -14.14
C ALA A 559 -37.47 -18.72 -14.65
N HIS A 560 -37.74 -18.84 -15.95
CA HIS A 560 -38.02 -20.15 -16.53
C HIS A 560 -36.77 -21.00 -16.49
N PRO A 561 -36.77 -22.11 -15.75
CA PRO A 561 -35.54 -22.87 -15.54
C PRO A 561 -35.15 -23.76 -16.71
N ASP A 562 -35.96 -23.79 -17.77
CA ASP A 562 -35.65 -24.56 -18.96
C ASP A 562 -35.19 -23.65 -20.08
N ALA A 563 -34.83 -22.41 -19.77
CA ALA A 563 -34.38 -21.47 -20.80
C ALA A 563 -33.11 -21.99 -21.47
N ALA A 564 -33.12 -22.01 -22.80
CA ALA A 564 -32.02 -22.57 -23.57
C ALA A 564 -31.22 -21.48 -24.27
N THR A 565 -29.92 -21.73 -24.37
CA THR A 565 -29.03 -20.83 -25.09
C THR A 565 -29.10 -21.15 -26.57
N THR A 566 -28.09 -20.68 -27.31
CA THR A 566 -28.04 -20.94 -28.75
C THR A 566 -27.63 -22.38 -29.05
N ASN A 567 -26.61 -22.87 -28.36
CA ASN A 567 -26.17 -24.25 -28.56
C ASN A 567 -27.11 -25.26 -27.92
N GLY A 568 -28.15 -24.79 -27.23
CA GLY A 568 -29.21 -25.64 -26.69
C GLY A 568 -29.15 -25.91 -25.21
N TYR A 569 -28.11 -25.45 -24.51
CA TYR A 569 -27.95 -25.73 -23.10
C TYR A 569 -29.00 -24.99 -22.27
N THR A 570 -29.67 -25.72 -21.39
CA THR A 570 -30.48 -25.15 -20.31
C THR A 570 -29.61 -25.02 -19.07
N PRO A 571 -30.06 -24.29 -18.03
CA PRO A 571 -29.23 -24.20 -16.83
C PRO A 571 -28.87 -25.56 -16.25
N LEU A 572 -29.72 -26.57 -16.44
CA LEU A 572 -29.38 -27.93 -16.04
C LEU A 572 -28.16 -28.45 -16.80
N HIS A 573 -28.08 -28.18 -18.11
CA HIS A 573 -26.90 -28.60 -18.86
C HIS A 573 -25.63 -27.92 -18.34
N ILE A 574 -25.73 -26.65 -17.95
CA ILE A 574 -24.55 -25.94 -17.45
C ILE A 574 -24.11 -26.51 -16.11
N SER A 575 -25.08 -26.84 -15.24
CA SER A 575 -24.70 -27.49 -14.00
C SER A 575 -24.09 -28.86 -14.27
N ALA A 576 -24.51 -29.51 -15.35
CA ALA A 576 -23.90 -30.78 -15.72
C ALA A 576 -22.50 -30.60 -16.29
N ARG A 577 -22.22 -29.45 -16.92
CA ARG A 577 -20.89 -29.23 -17.50
C ARG A 577 -19.89 -28.78 -16.44
N GLU A 578 -20.29 -27.86 -15.58
CA GLU A 578 -19.43 -27.29 -14.55
C GLU A 578 -19.44 -28.06 -13.23
N GLY A 579 -20.23 -29.12 -13.12
CA GLY A 579 -20.22 -29.92 -11.90
C GLY A 579 -20.88 -29.30 -10.69
N GLN A 580 -21.67 -28.24 -10.84
CA GLN A 580 -22.35 -27.61 -9.72
C GLN A 580 -23.53 -28.48 -9.30
N VAL A 581 -23.35 -29.24 -8.22
CA VAL A 581 -24.38 -30.19 -7.82
C VAL A 581 -25.53 -29.48 -7.10
N ASP A 582 -25.21 -28.50 -6.25
CA ASP A 582 -26.25 -27.77 -5.51
C ASP A 582 -27.17 -27.01 -6.45
N VAL A 583 -26.59 -26.39 -7.48
CA VAL A 583 -27.38 -25.67 -8.49
C VAL A 583 -28.31 -26.63 -9.23
N ALA A 584 -27.82 -27.83 -9.53
CA ALA A 584 -28.68 -28.82 -10.17
C ALA A 584 -29.78 -29.27 -9.22
N SER A 585 -29.50 -29.25 -7.91
CA SER A 585 -30.51 -29.60 -6.92
C SER A 585 -31.63 -28.56 -6.87
N VAL A 586 -31.27 -27.27 -6.74
CA VAL A 586 -32.29 -26.23 -6.70
C VAL A 586 -33.04 -26.18 -8.01
N LEU A 587 -32.36 -26.50 -9.12
CA LEU A 587 -32.98 -26.47 -10.44
C LEU A 587 -33.99 -27.60 -10.61
N LEU A 588 -33.59 -28.82 -10.24
CA LEU A 588 -34.49 -29.97 -10.39
C LEU A 588 -35.66 -29.89 -9.43
N GLU A 589 -35.44 -29.37 -8.23
CA GLU A 589 -36.54 -29.17 -7.29
C GLU A 589 -37.51 -28.09 -7.76
N ALA A 590 -37.10 -27.23 -8.68
CA ALA A 590 -37.96 -26.18 -9.19
C ALA A 590 -38.70 -26.57 -10.46
N GLY A 591 -38.49 -27.80 -10.93
CA GLY A 591 -39.20 -28.28 -12.09
C GLY A 591 -38.48 -28.21 -13.41
N ALA A 592 -37.15 -28.25 -13.41
CA ALA A 592 -36.44 -28.22 -14.67
C ALA A 592 -36.58 -29.57 -15.37
N ALA A 593 -36.85 -29.55 -16.67
CA ALA A 593 -36.94 -30.78 -17.43
C ALA A 593 -35.61 -31.53 -17.38
N HIS A 594 -35.65 -32.80 -16.94
CA HIS A 594 -34.44 -33.53 -16.58
C HIS A 594 -33.68 -34.09 -17.78
N SER A 595 -34.36 -34.39 -18.88
CA SER A 595 -33.69 -34.95 -20.06
C SER A 595 -34.15 -34.15 -21.26
N LEU A 596 -33.52 -33.00 -21.48
CA LEU A 596 -33.77 -32.08 -22.59
C LEU A 596 -32.58 -32.07 -23.53
N ALA A 597 -32.86 -31.91 -24.81
CA ALA A 597 -31.81 -31.98 -25.83
C ALA A 597 -31.20 -30.62 -26.17
N THR A 598 -29.91 -30.65 -26.51
CA THR A 598 -29.24 -29.47 -27.01
C THR A 598 -29.32 -29.50 -28.54
N LYS A 599 -28.44 -28.74 -29.22
CA LYS A 599 -28.41 -28.80 -30.68
C LYS A 599 -27.82 -30.12 -31.17
N LYS A 600 -26.82 -30.65 -30.48
CA LYS A 600 -26.26 -31.94 -30.84
C LYS A 600 -27.11 -33.10 -30.34
N GLY A 601 -28.25 -32.82 -29.70
CA GLY A 601 -29.13 -33.84 -29.20
C GLY A 601 -28.77 -34.40 -27.85
N PHE A 602 -27.82 -33.77 -27.14
CA PHE A 602 -27.37 -34.28 -25.84
C PHE A 602 -28.31 -33.83 -24.72
N THR A 603 -28.68 -34.78 -23.81
CA THR A 603 -29.40 -34.51 -22.57
C THR A 603 -28.41 -34.13 -21.48
N PRO A 604 -28.88 -33.53 -20.37
CA PRO A 604 -27.92 -33.21 -19.28
C PRO A 604 -27.12 -34.41 -18.83
N LEU A 605 -27.66 -35.62 -18.92
CA LEU A 605 -26.91 -36.84 -18.59
C LEU A 605 -25.75 -37.07 -19.57
N HIS A 606 -25.96 -36.78 -20.86
CA HIS A 606 -24.85 -36.89 -21.80
C HIS A 606 -23.74 -35.92 -21.43
N VAL A 607 -24.11 -34.71 -21.03
CA VAL A 607 -23.13 -33.69 -20.66
C VAL A 607 -22.39 -34.11 -19.39
N ALA A 608 -23.12 -34.67 -18.43
CA ALA A 608 -22.52 -35.16 -17.21
C ALA A 608 -21.53 -36.30 -17.50
N ALA A 609 -21.89 -37.17 -18.44
CA ALA A 609 -20.96 -38.22 -18.89
C ALA A 609 -19.80 -37.66 -19.68
N LYS A 610 -19.94 -36.45 -20.22
CA LYS A 610 -18.88 -35.84 -21.01
C LYS A 610 -17.84 -35.15 -20.15
N TYR A 611 -18.28 -34.46 -19.09
CA TYR A 611 -17.40 -33.66 -18.25
C TYR A 611 -17.09 -34.33 -16.90
N GLY A 612 -17.50 -35.58 -16.70
CA GLY A 612 -17.15 -36.28 -15.48
C GLY A 612 -17.85 -35.80 -14.23
N SER A 613 -18.89 -34.99 -14.35
CA SER A 613 -19.64 -34.56 -13.16
C SER A 613 -20.39 -35.76 -12.59
N LEU A 614 -19.80 -36.44 -11.61
CA LEU A 614 -20.36 -37.71 -11.14
C LEU A 614 -21.61 -37.49 -10.28
N ASP A 615 -21.53 -36.58 -9.29
CA ASP A 615 -22.64 -36.35 -8.37
C ASP A 615 -23.86 -35.81 -9.11
N VAL A 616 -23.64 -34.94 -10.09
CA VAL A 616 -24.76 -34.44 -10.87
C VAL A 616 -25.36 -35.56 -11.69
N ALA A 617 -24.57 -36.56 -12.09
CA ALA A 617 -25.12 -37.71 -12.80
C ALA A 617 -25.96 -38.58 -11.87
N LYS A 618 -25.49 -38.79 -10.64
CA LYS A 618 -26.28 -39.56 -9.67
C LYS A 618 -27.59 -38.85 -9.36
N LEU A 619 -27.51 -37.56 -9.01
CA LEU A 619 -28.71 -36.77 -8.74
C LEU A 619 -29.64 -36.72 -9.95
N LEU A 620 -29.07 -36.74 -11.15
CA LEU A 620 -29.88 -36.78 -12.36
C LEU A 620 -30.64 -38.10 -12.45
N LEU A 621 -29.95 -39.22 -12.23
CA LEU A 621 -30.58 -40.54 -12.35
C LEU A 621 -31.62 -40.80 -11.26
N GLN A 622 -31.41 -40.27 -10.05
CA GLN A 622 -32.37 -40.41 -8.97
C GLN A 622 -33.69 -39.69 -9.27
N ARG A 623 -33.67 -38.71 -10.18
CA ARG A 623 -34.85 -37.95 -10.55
C ARG A 623 -35.60 -38.51 -11.77
N ARG A 624 -35.58 -39.82 -11.97
CA ARG A 624 -36.31 -40.50 -13.05
C ARG A 624 -35.68 -40.24 -14.41
N ALA A 625 -34.42 -39.80 -14.42
CA ALA A 625 -33.72 -39.54 -15.68
C ALA A 625 -33.56 -40.83 -16.45
N ALA A 626 -33.73 -40.77 -17.76
CA ALA A 626 -33.60 -41.98 -18.55
C ALA A 626 -32.13 -42.38 -18.58
N ALA A 627 -31.88 -43.64 -18.24
CA ALA A 627 -30.51 -44.14 -18.17
C ALA A 627 -29.85 -44.09 -19.54
N ASP A 628 -30.61 -44.39 -20.59
CA ASP A 628 -30.06 -44.43 -21.94
C ASP A 628 -30.91 -43.61 -22.90
N SER A 629 -30.91 -42.29 -22.73
CA SER A 629 -31.63 -41.46 -23.67
C SER A 629 -30.79 -41.37 -24.94
N ALA A 630 -31.45 -41.15 -26.08
CA ALA A 630 -30.76 -41.12 -27.36
C ALA A 630 -31.02 -39.82 -28.12
N GLY A 631 -30.00 -39.32 -28.81
CA GLY A 631 -30.10 -38.13 -29.60
C GLY A 631 -30.32 -38.45 -31.07
N LYS A 632 -30.08 -37.45 -31.92
CA LYS A 632 -30.24 -37.64 -33.36
C LYS A 632 -29.21 -38.61 -33.92
N ASN A 633 -28.03 -38.66 -33.31
CA ASN A 633 -26.95 -39.54 -33.74
C ASN A 633 -27.07 -40.96 -33.18
N GLY A 634 -27.99 -41.19 -32.24
CA GLY A 634 -28.18 -42.49 -31.65
C GLY A 634 -27.34 -42.81 -30.43
N LEU A 635 -26.45 -41.90 -30.02
CA LEU A 635 -25.60 -42.14 -28.86
C LEU A 635 -26.44 -42.14 -27.58
N THR A 636 -25.91 -42.82 -26.57
CA THR A 636 -26.40 -42.88 -25.20
C THR A 636 -25.34 -42.31 -24.27
N PRO A 637 -25.71 -41.89 -23.05
CA PRO A 637 -24.69 -41.35 -22.13
C PRO A 637 -23.55 -42.31 -21.87
N LEU A 638 -23.79 -43.62 -22.03
CA LEU A 638 -22.74 -44.61 -21.91
C LEU A 638 -21.71 -44.48 -23.04
N HIS A 639 -22.18 -44.23 -24.28
CA HIS A 639 -21.25 -43.97 -25.38
C HIS A 639 -20.39 -42.76 -25.07
N VAL A 640 -21.03 -41.70 -24.56
CA VAL A 640 -20.32 -40.46 -24.25
C VAL A 640 -19.26 -40.72 -23.19
N ALA A 641 -19.65 -41.42 -22.11
CA ALA A 641 -18.72 -41.74 -21.05
C ALA A 641 -17.61 -42.66 -21.55
N ALA A 642 -17.91 -43.51 -22.54
CA ALA A 642 -16.90 -44.38 -23.11
C ALA A 642 -15.89 -43.59 -23.91
N HIS A 643 -16.35 -42.52 -24.58
CA HIS A 643 -15.49 -41.69 -25.39
C HIS A 643 -14.53 -40.89 -24.52
N TYR A 644 -15.06 -40.18 -23.52
CA TYR A 644 -14.26 -39.25 -22.72
C TYR A 644 -13.50 -39.93 -21.57
N ASP A 645 -13.46 -41.26 -21.52
CA ASP A 645 -12.70 -41.98 -20.52
C ASP A 645 -13.16 -41.59 -19.12
N ASN A 646 -14.47 -41.60 -18.92
CA ASN A 646 -15.09 -41.35 -17.62
C ASN A 646 -15.53 -42.69 -17.03
N GLN A 647 -14.73 -43.21 -16.11
CA GLN A 647 -14.97 -44.56 -15.62
C GLN A 647 -16.12 -44.62 -14.62
N LYS A 648 -16.06 -43.78 -13.58
CA LYS A 648 -17.05 -43.85 -12.51
C LYS A 648 -18.46 -43.55 -13.02
N VAL A 649 -18.60 -42.56 -13.91
CA VAL A 649 -19.91 -42.24 -14.45
C VAL A 649 -20.44 -43.35 -15.35
N ALA A 650 -19.55 -43.97 -16.15
CA ALA A 650 -19.99 -45.10 -16.96
C ALA A 650 -20.47 -46.25 -16.09
N LEU A 651 -19.76 -46.50 -14.98
CA LEU A 651 -20.15 -47.52 -14.01
C LEU A 651 -21.50 -47.20 -13.39
N LEU A 652 -21.68 -45.94 -12.94
CA LEU A 652 -22.95 -45.52 -12.36
C LEU A 652 -24.09 -45.72 -13.34
N LEU A 653 -23.82 -45.49 -14.63
CA LEU A 653 -24.84 -45.74 -15.63
C LEU A 653 -25.16 -47.22 -15.75
N LEU A 654 -24.13 -48.08 -15.77
CA LEU A 654 -24.41 -49.50 -15.90
C LEU A 654 -25.21 -50.01 -14.71
N GLU A 655 -24.87 -49.53 -13.50
CA GLU A 655 -25.62 -49.91 -12.31
C GLU A 655 -27.05 -49.40 -12.37
N LYS A 656 -27.24 -48.17 -12.85
CA LYS A 656 -28.57 -47.60 -12.87
C LYS A 656 -29.44 -48.21 -13.96
N GLY A 657 -28.88 -49.07 -14.81
CA GLY A 657 -29.68 -49.81 -15.77
C GLY A 657 -29.48 -49.42 -17.21
N ALA A 658 -28.29 -48.93 -17.55
CA ALA A 658 -27.95 -48.58 -18.92
C ALA A 658 -27.40 -49.80 -19.63
N SER A 659 -27.92 -50.08 -20.81
CA SER A 659 -27.51 -51.27 -21.55
C SER A 659 -26.17 -51.06 -22.23
N PRO A 660 -25.20 -51.96 -22.04
CA PRO A 660 -23.93 -51.88 -22.77
C PRO A 660 -23.96 -52.53 -24.15
N HIS A 661 -25.12 -52.99 -24.60
CA HIS A 661 -25.24 -53.58 -25.93
C HIS A 661 -25.98 -52.67 -26.91
N ALA A 662 -26.34 -51.45 -26.49
CA ALA A 662 -26.99 -50.50 -27.40
C ALA A 662 -26.00 -49.98 -28.43
N THR A 663 -26.54 -49.58 -29.58
CA THR A 663 -25.78 -49.11 -30.74
C THR A 663 -26.14 -47.66 -31.08
N ALA A 664 -25.43 -47.11 -32.07
CA ALA A 664 -25.67 -45.75 -32.53
C ALA A 664 -25.92 -45.74 -34.04
N LYS A 665 -25.75 -44.59 -34.67
CA LYS A 665 -25.84 -44.52 -36.13
C LYS A 665 -24.68 -45.27 -36.77
N ASN A 666 -23.55 -45.38 -36.07
CA ASN A 666 -22.40 -46.11 -36.56
C ASN A 666 -22.53 -47.62 -36.40
N GLY A 667 -23.65 -48.11 -35.89
CA GLY A 667 -23.74 -49.49 -35.47
C GLY A 667 -22.83 -49.80 -34.29
N TYR A 668 -22.37 -48.75 -33.60
CA TYR A 668 -21.37 -48.86 -32.55
C TYR A 668 -21.98 -49.09 -31.18
N THR A 669 -21.55 -50.18 -30.51
CA THR A 669 -21.74 -50.32 -29.08
C THR A 669 -20.68 -49.48 -28.36
N PRO A 670 -20.92 -49.12 -27.09
CA PRO A 670 -19.85 -48.43 -26.33
C PRO A 670 -18.58 -49.23 -26.23
N LEU A 671 -18.65 -50.55 -26.47
CA LEU A 671 -17.48 -51.40 -26.54
C LEU A 671 -16.61 -51.09 -27.76
N HIS A 672 -17.23 -50.75 -28.91
CA HIS A 672 -16.45 -50.28 -30.06
C HIS A 672 -15.68 -49.01 -29.71
N ILE A 673 -16.37 -48.09 -29.04
CA ILE A 673 -15.80 -46.79 -28.70
C ILE A 673 -14.64 -46.96 -27.73
N ALA A 674 -14.86 -47.76 -26.68
CA ALA A 674 -13.80 -48.04 -25.72
C ALA A 674 -12.65 -48.80 -26.36
N ALA A 675 -12.95 -49.64 -27.35
CA ALA A 675 -11.90 -50.43 -27.99
C ALA A 675 -11.02 -49.55 -28.88
N LYS A 676 -11.62 -48.61 -29.61
CA LYS A 676 -10.85 -47.81 -30.54
C LYS A 676 -9.92 -46.83 -29.80
N LYS A 677 -10.47 -46.10 -28.83
CA LYS A 677 -9.73 -45.07 -28.13
C LYS A 677 -8.89 -45.60 -26.96
N ASN A 678 -8.69 -46.91 -26.87
CA ASN A 678 -7.85 -47.54 -25.83
C ASN A 678 -8.34 -47.19 -24.42
N GLN A 679 -9.56 -47.63 -24.13
CA GLN A 679 -10.15 -47.50 -22.80
C GLN A 679 -10.08 -48.86 -22.13
N MET A 680 -8.94 -49.16 -21.47
CA MET A 680 -8.76 -50.49 -20.89
C MET A 680 -9.77 -50.77 -19.79
N GLN A 681 -9.83 -49.89 -18.78
CA GLN A 681 -10.71 -50.11 -17.63
C GLN A 681 -12.18 -50.05 -18.01
N ILE A 682 -12.57 -49.14 -18.90
CA ILE A 682 -13.98 -49.02 -19.26
C ILE A 682 -14.44 -50.23 -20.05
N ALA A 683 -13.55 -50.77 -20.89
CA ALA A 683 -13.88 -52.02 -21.59
C ALA A 683 -13.91 -53.19 -20.62
N SER A 684 -13.06 -53.14 -19.58
CA SER A 684 -13.14 -54.15 -18.54
C SER A 684 -14.51 -54.13 -17.88
N THR A 685 -14.97 -52.95 -17.47
CA THR A 685 -16.30 -52.82 -16.86
C THR A 685 -17.39 -53.28 -17.82
N LEU A 686 -17.24 -52.96 -19.10
CA LEU A 686 -18.23 -53.33 -20.11
C LEU A 686 -18.34 -54.84 -20.24
N LEU A 687 -17.20 -55.52 -20.40
CA LEU A 687 -17.20 -56.97 -20.51
C LEU A 687 -17.72 -57.63 -19.25
N ASN A 688 -17.36 -57.08 -18.08
CA ASN A 688 -17.84 -57.60 -16.80
C ASN A 688 -19.34 -57.39 -16.65
N TYR A 689 -19.92 -56.45 -17.42
CA TYR A 689 -21.35 -56.21 -17.39
C TYR A 689 -22.10 -56.88 -18.54
N GLY A 690 -21.44 -57.75 -19.29
CA GLY A 690 -22.10 -58.50 -20.35
C GLY A 690 -22.17 -57.78 -21.68
N ALA A 691 -21.03 -57.20 -22.07
CA ALA A 691 -20.93 -56.53 -23.35
C ALA A 691 -20.65 -57.54 -24.45
N GLU A 692 -21.52 -57.56 -25.46
CA GLU A 692 -21.36 -58.47 -26.57
C GLU A 692 -20.09 -58.15 -27.35
N THR A 693 -19.27 -59.16 -27.58
CA THR A 693 -18.03 -59.00 -28.34
C THR A 693 -18.25 -59.31 -29.81
N ASN A 694 -19.06 -60.32 -30.10
CA ASN A 694 -19.41 -60.68 -31.48
C ASN A 694 -20.59 -59.84 -31.97
N ILE A 695 -20.35 -58.53 -32.07
CA ILE A 695 -21.33 -57.57 -32.58
C ILE A 695 -20.70 -56.82 -33.76
N VAL A 696 -21.48 -56.68 -34.83
CA VAL A 696 -21.01 -56.05 -36.07
C VAL A 696 -21.68 -54.69 -36.24
N THR A 697 -21.08 -53.89 -37.11
CA THR A 697 -21.62 -52.60 -37.50
C THR A 697 -22.33 -52.75 -38.86
N LYS A 698 -22.61 -51.62 -39.52
CA LYS A 698 -23.22 -51.67 -40.85
C LYS A 698 -22.21 -52.03 -41.93
N GLN A 699 -20.94 -51.76 -41.69
CA GLN A 699 -19.87 -52.01 -42.66
C GLN A 699 -19.01 -53.22 -42.29
N GLY A 700 -19.57 -54.18 -41.54
CA GLY A 700 -18.86 -55.39 -41.18
C GLY A 700 -17.63 -55.15 -40.31
N VAL A 701 -17.80 -54.44 -39.19
CA VAL A 701 -16.72 -54.13 -38.28
C VAL A 701 -17.08 -54.61 -36.88
N THR A 702 -16.10 -55.20 -36.19
CA THR A 702 -16.20 -55.62 -34.81
C THR A 702 -15.15 -54.88 -33.98
N PRO A 703 -15.35 -54.76 -32.66
CA PRO A 703 -14.36 -54.05 -31.81
C PRO A 703 -12.96 -54.64 -31.89
N LEU A 704 -12.82 -55.89 -32.35
CA LEU A 704 -11.50 -56.46 -32.59
C LEU A 704 -10.79 -55.78 -33.76
N HIS A 705 -11.54 -55.36 -34.78
CA HIS A 705 -10.95 -54.68 -35.93
C HIS A 705 -10.46 -53.29 -35.57
N LEU A 706 -11.26 -52.54 -34.80
CA LEU A 706 -10.83 -51.22 -34.36
C LEU A 706 -9.71 -51.32 -33.35
N ALA A 707 -9.84 -52.25 -32.41
CA ALA A 707 -8.81 -52.42 -31.39
C ALA A 707 -7.48 -52.81 -32.00
N SER A 708 -7.50 -53.68 -33.02
CA SER A 708 -6.29 -54.07 -33.71
C SER A 708 -5.77 -52.99 -34.66
N GLN A 709 -6.69 -52.23 -35.28
CA GLN A 709 -6.27 -51.21 -36.24
C GLN A 709 -5.57 -50.06 -35.54
N GLU A 710 -6.13 -49.60 -34.41
CA GLU A 710 -5.54 -48.47 -33.71
C GLU A 710 -4.17 -48.83 -33.13
N GLY A 711 -3.88 -50.12 -32.94
CA GLY A 711 -2.57 -50.53 -32.48
C GLY A 711 -2.44 -50.66 -30.97
N HIS A 712 -3.38 -51.35 -30.33
CA HIS A 712 -3.37 -51.55 -28.89
C HIS A 712 -3.16 -53.03 -28.58
N THR A 713 -2.07 -53.33 -27.87
CA THR A 713 -1.74 -54.71 -27.55
C THR A 713 -2.61 -55.22 -26.41
N ASP A 714 -2.51 -54.57 -25.24
CA ASP A 714 -3.24 -55.01 -24.05
C ASP A 714 -4.74 -55.05 -24.30
N MET A 715 -5.25 -54.21 -25.19
CA MET A 715 -6.65 -54.27 -25.56
C MET A 715 -6.98 -55.61 -26.19
N VAL A 716 -6.48 -55.83 -27.41
CA VAL A 716 -6.77 -57.08 -28.14
C VAL A 716 -6.48 -58.31 -27.28
N THR A 717 -5.47 -58.22 -26.41
CA THR A 717 -5.24 -59.27 -25.42
C THR A 717 -6.43 -59.40 -24.47
N LEU A 718 -6.99 -58.25 -24.04
CA LEU A 718 -8.08 -58.28 -23.06
C LEU A 718 -9.40 -58.71 -23.68
N LEU A 719 -9.58 -58.59 -25.00
CA LEU A 719 -10.83 -59.04 -25.61
C LEU A 719 -10.97 -60.55 -25.50
N LEU A 720 -10.03 -61.27 -26.10
CA LEU A 720 -10.06 -62.73 -26.15
C LEU A 720 -9.82 -63.36 -24.77
S SO4 B . -9.73 24.66 1.18
O1 SO4 B . -9.37 24.33 2.55
O2 SO4 B . -10.82 25.64 1.17
O3 SO4 B . -8.58 25.19 0.45
O4 SO4 B . -10.16 23.40 0.57
S SO4 C . -20.01 9.21 0.33
O1 SO4 C . -20.86 8.03 0.21
O2 SO4 C . -20.52 10.04 1.41
O3 SO4 C . -20.05 9.97 -0.93
O4 SO4 C . -18.63 8.79 0.62
S SO4 D . -23.39 -0.09 0.20
O1 SO4 D . -24.15 -0.68 1.31
O2 SO4 D . -22.89 1.23 0.60
O3 SO4 D . -22.30 -0.99 -0.14
O4 SO4 D . -24.29 0.00 -0.96
S SO4 E . -12.73 -40.94 -13.56
O1 SO4 E . -12.03 -41.40 -12.36
O2 SO4 E . -13.98 -40.26 -13.18
O3 SO4 E . -11.84 -40.02 -14.25
O4 SO4 E . -13.08 -42.06 -14.43
S SO4 F . -11.36 6.08 -0.24
O1 SO4 F . -12.26 5.40 0.71
O2 SO4 F . -12.13 6.98 -1.10
O3 SO4 F . -10.69 5.08 -1.07
O4 SO4 F . -10.37 6.89 0.49
S SO4 G . 23.98 31.38 24.78
O1 SO4 G . 24.34 32.27 25.89
O2 SO4 G . 22.74 30.66 25.09
O3 SO4 G . 23.77 32.18 23.57
O4 SO4 G . 25.08 30.44 24.58
S SO4 H . 7.31 31.58 5.59
O1 SO4 H . 6.04 30.91 5.27
O2 SO4 H . 7.33 31.91 7.02
O3 SO4 H . 7.45 32.81 4.82
O4 SO4 H . 8.44 30.71 5.28
S SO4 I . 11.16 18.59 13.37
O1 SO4 I . 10.41 18.00 14.49
O2 SO4 I . 12.00 19.67 13.88
O3 SO4 I . 10.20 19.12 12.39
O4 SO4 I . 11.97 17.54 12.75
S SO4 J . -37.96 -10.60 -1.48
O1 SO4 J . -37.88 -9.18 -1.13
O2 SO4 J . -38.53 -11.31 -0.34
O3 SO4 J . -38.81 -10.81 -2.66
O4 SO4 J . -36.62 -11.15 -1.75
S SO4 K . 13.80 21.97 17.26
O1 SO4 K . 13.52 23.39 17.03
O2 SO4 K . 12.55 21.20 17.15
O3 SO4 K . 14.75 21.50 16.26
O4 SO4 K . 14.37 21.79 18.60
#